data_2HP1
#
_entry.id   2HP1
#
_cell.length_a   66.483
_cell.length_b   106.981
_cell.length_c   119.499
_cell.angle_alpha   90.00
_cell.angle_beta   90.00
_cell.angle_gamma   90.00
#
_symmetry.space_group_name_H-M   'P 21 21 21'
#
loop_
_entity.id
_entity.type
_entity.pdbx_description
1 polymer 'Glutamate-1-semialdehyde 2,1-aminomutase (GSAM) plp-form'
2 non-polymer '(4S)-4-AMINO-5-[({3-HYDROXY-2-METHYL-5-[(PHOSPHONOOXY)METHYL]PYRIDIN-4-YL}METHYL)AMINO]PENTANOIC ACID'
3 non-polymer "PYRIDOXAL-5'-PHOSPHATE"
4 non-polymer '(4S)-4,5-DIAMINOPENTANOIC ACID'
5 water water
#
_entity_poly.entity_id   1
_entity_poly.type   'polypeptide(L)'
_entity_poly.pdbx_seq_one_letter_code
;VTSSPFKTIKSDEIFAAAQKLMPGGVSSPVRAFKSVGGQPIVFDRVKDAYAWDVDGNRYIDYVGTWGPAICGHAHPEVIE
ALKVAMEKGTSFGAPCALENVLAEMVNDAVPSIEMVRFVNSGTEACMAVLRIMRAYTGRDKIIKFEGCYHGHADMFLVKA
GSGVATLGLPSSPGVPKKTTANTLTTPYNDLEAVKALFAENPGEIAGVILEPIVGNSGFIVPDAGFLEGLREITLEHDAL
LVFDEVMTGFRIAYGGVQEKFGVTPDLTTLGKIIGGGLPVGAYGGKREIMQLVAPAGPMYQAGTLSGNPLAMTAGIKTLE
LLRQPGTYEYLDQITKRLSDGLLAIAQETGHAACGGQVSGMFGFFFTEGPVHNYEDAKKSDLQKFSRFHRGMLEQGIYLA
PSQFEAGFTSLAHTEEDIDATLAAARTVMSAL
;
_entity_poly.pdbx_strand_id   A,B
#
loop_
_chem_comp.id
_chem_comp.type
_chem_comp.name
_chem_comp.formula
EA5 non-polymer '(4S)-4-AMINO-5-[({3-HYDROXY-2-METHYL-5-[(PHOSPHONOOXY)METHYL]PYRIDIN-4-YL}METHYL)AMINO]PENTANOIC ACID' 'C13 H22 N3 O7 P'
HOZ non-polymer '(4S)-4,5-DIAMINOPENTANOIC ACID' 'C5 H12 N2 O2'
PLP non-polymer PYRIDOXAL-5'-PHOSPHATE 'C8 H10 N O6 P'
#
# COMPACT_ATOMS: atom_id res chain seq x y z
N PHE A 6 33.94 -9.82 -11.17
CA PHE A 6 32.62 -9.44 -10.59
C PHE A 6 31.72 -10.68 -10.51
N LYS A 7 31.59 -11.24 -9.32
CA LYS A 7 30.79 -12.43 -9.12
C LYS A 7 29.37 -12.15 -8.61
N THR A 8 28.39 -12.68 -9.34
CA THR A 8 26.98 -12.51 -8.98
C THR A 8 26.34 -13.89 -8.99
N ILE A 9 27.11 -14.90 -8.58
CA ILE A 9 26.65 -16.27 -8.55
C ILE A 9 25.42 -16.46 -7.67
N LYS A 10 25.49 -15.96 -6.44
CA LYS A 10 24.38 -16.10 -5.50
C LYS A 10 23.15 -15.33 -5.99
N SER A 11 23.37 -14.14 -6.55
CA SER A 11 22.26 -13.35 -7.07
C SER A 11 21.51 -14.12 -8.15
N ASP A 12 22.27 -14.65 -9.10
CA ASP A 12 21.71 -15.42 -10.21
C ASP A 12 20.98 -16.65 -9.69
N GLU A 13 21.53 -17.30 -8.67
CA GLU A 13 20.90 -18.47 -8.09
C GLU A 13 19.53 -18.12 -7.53
N ILE A 14 19.50 -17.06 -6.73
CA ILE A 14 18.26 -16.63 -6.10
C ILE A 14 17.27 -16.08 -7.13
N PHE A 15 17.74 -15.25 -8.06
CA PHE A 15 16.88 -14.67 -9.08
C PHE A 15 16.25 -15.74 -9.96
N ALA A 16 17.01 -16.80 -10.23
CA ALA A 16 16.51 -17.90 -11.05
C ALA A 16 15.34 -18.58 -10.34
N ALA A 17 15.46 -18.72 -9.03
CA ALA A 17 14.41 -19.35 -8.24
C ALA A 17 13.20 -18.42 -8.14
N ALA A 18 13.45 -17.12 -7.97
CA ALA A 18 12.37 -16.14 -7.86
C ALA A 18 11.49 -16.06 -9.10
N GLN A 19 12.08 -16.27 -10.27
CA GLN A 19 11.33 -16.21 -11.52
C GLN A 19 10.24 -17.26 -11.56
N LYS A 20 10.45 -18.35 -10.82
CA LYS A 20 9.46 -19.42 -10.79
C LYS A 20 8.41 -19.15 -9.72
N LEU A 21 8.72 -18.23 -8.80
CA LEU A 21 7.84 -17.90 -7.68
C LEU A 21 7.04 -16.61 -7.83
N MET A 22 7.64 -15.63 -8.51
CA MET A 22 7.01 -14.34 -8.70
C MET A 22 7.17 -13.85 -10.14
N PRO A 23 6.25 -13.01 -10.62
CA PRO A 23 6.31 -12.49 -11.98
C PRO A 23 7.61 -11.74 -12.21
N GLY A 24 8.43 -12.24 -13.13
CA GLY A 24 9.70 -11.60 -13.42
C GLY A 24 10.66 -11.76 -12.27
N GLY A 25 10.29 -12.59 -11.29
CA GLY A 25 11.15 -12.82 -10.15
C GLY A 25 11.40 -11.62 -9.25
N VAL A 26 10.50 -10.65 -9.29
CA VAL A 26 10.65 -9.45 -8.48
C VAL A 26 9.29 -9.02 -7.96
N SER A 27 9.28 -8.16 -6.94
CA SER A 27 8.02 -7.66 -6.37
C SER A 27 7.63 -6.35 -7.01
N SER A 28 8.50 -5.82 -7.86
CA SER A 28 8.23 -4.57 -8.57
C SER A 28 9.03 -4.55 -9.87
N PRO A 29 8.36 -4.31 -11.00
CA PRO A 29 8.93 -4.26 -12.35
C PRO A 29 10.16 -3.36 -12.51
N VAL A 30 10.24 -2.31 -11.70
CA VAL A 30 11.35 -1.39 -11.80
C VAL A 30 12.67 -2.05 -11.44
N ARG A 31 12.61 -3.20 -10.78
CA ARG A 31 13.81 -3.93 -10.37
C ARG A 31 14.27 -4.97 -11.39
N ALA A 32 13.53 -5.10 -12.49
CA ALA A 32 13.80 -6.07 -13.54
C ALA A 32 15.17 -6.16 -14.23
N PHE A 33 15.82 -5.05 -14.51
CA PHE A 33 17.14 -5.09 -15.18
C PHE A 33 17.08 -5.45 -16.67
N LYS A 34 15.89 -5.58 -17.24
CA LYS A 34 15.78 -5.93 -18.65
C LYS A 34 16.34 -4.91 -19.64
N SER A 35 16.44 -3.65 -19.23
CA SER A 35 16.94 -2.61 -20.10
C SER A 35 18.41 -2.30 -19.82
N VAL A 36 19.02 -3.09 -18.96
CA VAL A 36 20.40 -2.86 -18.60
C VAL A 36 21.26 -4.10 -18.82
N GLY A 37 20.67 -5.12 -19.44
CA GLY A 37 21.39 -6.33 -19.73
C GLY A 37 20.93 -7.51 -18.90
N GLY A 38 19.82 -7.35 -18.20
CA GLY A 38 19.30 -8.42 -17.38
C GLY A 38 20.27 -8.86 -16.30
N GLN A 39 19.74 -9.60 -15.32
CA GLN A 39 20.50 -10.12 -14.19
C GLN A 39 20.59 -9.14 -13.03
N PRO A 40 19.49 -9.01 -12.26
CA PRO A 40 19.44 -8.10 -11.12
C PRO A 40 20.30 -8.66 -9.98
N ILE A 41 20.80 -7.78 -9.13
CA ILE A 41 21.60 -8.26 -8.02
C ILE A 41 20.76 -8.28 -6.74
N VAL A 42 20.86 -9.38 -6.00
CA VAL A 42 20.11 -9.58 -4.78
C VAL A 42 20.80 -8.97 -3.57
N PHE A 43 20.15 -7.99 -2.95
CA PHE A 43 20.70 -7.33 -1.78
C PHE A 43 20.58 -8.18 -0.52
N ASP A 44 21.57 -8.08 0.35
CA ASP A 44 21.55 -8.81 1.60
C ASP A 44 21.33 -7.83 2.74
N ARG A 45 21.93 -6.65 2.61
CA ARG A 45 21.79 -5.63 3.64
C ARG A 45 22.21 -4.28 3.10
N VAL A 46 21.74 -3.22 3.74
CA VAL A 46 22.06 -1.87 3.34
C VAL A 46 22.35 -1.05 4.59
N LYS A 47 23.22 -0.07 4.48
CA LYS A 47 23.55 0.79 5.61
C LYS A 47 24.18 2.07 5.10
N ASP A 48 23.69 3.20 5.62
CA ASP A 48 24.19 4.50 5.21
C ASP A 48 24.08 4.64 3.70
N ALA A 49 25.19 4.93 3.04
CA ALA A 49 25.16 5.07 1.59
C ALA A 49 25.47 3.76 0.86
N TYR A 50 25.54 2.65 1.59
CA TYR A 50 25.90 1.38 0.94
C TYR A 50 24.91 0.24 0.96
N ALA A 51 25.10 -0.67 0.01
CA ALA A 51 24.30 -1.88 -0.13
C ALA A 51 25.29 -3.02 -0.33
N TRP A 52 24.93 -4.20 0.17
CA TRP A 52 25.78 -5.38 0.02
C TRP A 52 25.02 -6.52 -0.65
N ASP A 53 25.65 -7.09 -1.68
CA ASP A 53 25.14 -8.21 -2.47
C ASP A 53 25.12 -9.49 -1.65
N VAL A 54 24.37 -10.49 -2.09
CA VAL A 54 24.34 -11.77 -1.39
C VAL A 54 25.67 -12.45 -1.70
N ASP A 55 26.41 -11.86 -2.65
CA ASP A 55 27.72 -12.36 -3.05
C ASP A 55 28.83 -11.62 -2.29
N GLY A 56 28.44 -10.65 -1.46
CA GLY A 56 29.42 -9.91 -0.69
C GLY A 56 29.92 -8.63 -1.33
N ASN A 57 29.49 -8.34 -2.55
CA ASN A 57 29.92 -7.12 -3.22
C ASN A 57 29.28 -5.90 -2.55
N ARG A 58 30.09 -4.89 -2.32
CA ARG A 58 29.62 -3.66 -1.70
C ARG A 58 29.43 -2.56 -2.76
N TYR A 59 28.37 -1.79 -2.62
CA TYR A 59 28.13 -0.71 -3.57
C TYR A 59 27.80 0.59 -2.89
N ILE A 60 28.13 1.69 -3.56
CA ILE A 60 27.76 3.00 -3.06
C ILE A 60 26.41 3.11 -3.79
N ASP A 61 25.35 3.19 -3.01
CA ASP A 61 23.98 3.21 -3.53
C ASP A 61 23.37 4.59 -3.85
N TYR A 62 22.92 4.76 -5.08
CA TYR A 62 22.31 6.01 -5.50
C TYR A 62 20.83 5.80 -5.82
N VAL A 63 20.28 4.71 -5.29
CA VAL A 63 18.88 4.38 -5.47
C VAL A 63 18.13 4.67 -4.18
N GLY A 64 18.77 4.38 -3.04
CA GLY A 64 18.14 4.62 -1.75
C GLY A 64 16.76 3.99 -1.69
N THR A 65 16.71 2.72 -2.08
CA THR A 65 15.46 1.96 -2.13
C THR A 65 14.38 2.79 -2.83
N TRP A 66 14.84 3.58 -3.81
CA TRP A 66 14.00 4.44 -4.64
C TRP A 66 13.43 5.70 -4.01
N GLY A 67 14.20 6.34 -3.14
CA GLY A 67 13.75 7.57 -2.52
C GLY A 67 13.62 7.60 -1.01
N PRO A 68 13.03 6.57 -0.38
CA PRO A 68 12.85 6.51 1.07
C PRO A 68 14.07 6.78 1.95
N ALA A 69 15.20 6.16 1.61
CA ALA A 69 16.44 6.28 2.38
C ALA A 69 17.21 7.60 2.27
N ILE A 70 16.51 8.72 2.42
CA ILE A 70 17.18 10.02 2.31
C ILE A 70 18.10 10.29 3.51
N CYS A 71 17.76 9.73 4.66
CA CYS A 71 18.58 9.91 5.86
C CYS A 71 19.71 8.88 5.87
N GLY A 72 19.78 8.09 4.82
CA GLY A 72 20.79 7.05 4.73
C GLY A 72 20.10 5.75 5.09
N HIS A 73 20.69 4.63 4.66
CA HIS A 73 20.12 3.32 4.95
C HIS A 73 20.32 2.96 6.42
N ALA A 74 19.31 2.31 7.00
CA ALA A 74 19.38 1.87 8.39
C ALA A 74 19.93 2.92 9.33
N HIS A 75 19.37 4.13 9.26
CA HIS A 75 19.82 5.17 10.16
C HIS A 75 19.61 4.67 11.58
N PRO A 76 20.67 4.71 12.41
CA PRO A 76 20.56 4.22 13.79
C PRO A 76 19.46 4.83 14.66
N GLU A 77 19.17 6.12 14.47
CA GLU A 77 18.12 6.73 15.28
C GLU A 77 16.74 6.27 14.87
N VAL A 78 16.55 5.99 13.58
CA VAL A 78 15.26 5.50 13.10
C VAL A 78 15.08 4.05 13.55
N ILE A 79 16.12 3.24 13.38
CA ILE A 79 16.04 1.83 13.79
C ILE A 79 15.79 1.74 15.28
N GLU A 80 16.48 2.58 16.05
CA GLU A 80 16.31 2.61 17.50
C GLU A 80 14.88 2.96 17.86
N ALA A 81 14.32 3.96 17.17
CA ALA A 81 12.94 4.37 17.43
C ALA A 81 11.98 3.24 17.09
N LEU A 82 12.25 2.54 15.99
CA LEU A 82 11.40 1.43 15.56
C LEU A 82 11.45 0.29 16.57
N LYS A 83 12.62 0.01 17.12
CA LYS A 83 12.77 -1.07 18.09
C LYS A 83 11.90 -0.78 19.30
N VAL A 84 11.98 0.44 19.81
CA VAL A 84 11.18 0.83 20.97
C VAL A 84 9.70 0.78 20.66
N ALA A 85 9.33 1.28 19.47
CA ALA A 85 7.94 1.31 19.08
C ALA A 85 7.30 -0.06 18.90
N MET A 86 8.00 -0.98 18.25
CA MET A 86 7.40 -2.29 18.01
C MET A 86 7.07 -3.09 19.27
N GLU A 87 7.72 -2.80 20.38
CA GLU A 87 7.43 -3.52 21.61
C GLU A 87 6.01 -3.18 22.09
N LYS A 88 5.44 -2.11 21.54
CA LYS A 88 4.11 -1.69 21.93
C LYS A 88 3.04 -2.21 20.97
N GLY A 89 3.44 -3.08 20.06
CA GLY A 89 2.51 -3.61 19.08
C GLY A 89 2.68 -2.78 17.81
N THR A 90 2.81 -3.43 16.67
CA THR A 90 3.03 -2.74 15.40
C THR A 90 1.80 -2.13 14.74
N SER A 91 0.61 -2.65 15.06
CA SER A 91 -0.62 -2.17 14.47
C SER A 91 -1.77 -2.27 15.47
N PHE A 92 -2.57 -1.20 15.57
CA PHE A 92 -3.68 -1.17 16.52
C PHE A 92 -5.06 -1.40 15.90
N GLY A 93 -5.36 -0.66 14.84
CA GLY A 93 -6.67 -0.77 14.22
C GLY A 93 -7.59 0.26 14.86
N ALA A 94 -6.96 1.18 15.60
CA ALA A 94 -7.67 2.24 16.30
C ALA A 94 -6.74 3.46 16.29
N PRO A 95 -7.25 4.63 16.71
CA PRO A 95 -6.43 5.84 16.74
C PRO A 95 -5.26 5.76 17.71
N CYS A 96 -4.18 6.45 17.39
CA CYS A 96 -3.03 6.48 18.28
C CYS A 96 -2.43 7.88 18.20
N ALA A 97 -1.79 8.31 19.28
CA ALA A 97 -1.18 9.62 19.37
C ALA A 97 -0.24 9.95 18.23
N LEU A 98 0.60 8.99 17.85
CA LEU A 98 1.57 9.16 16.78
C LEU A 98 0.98 9.65 15.46
N GLU A 99 -0.27 9.27 15.17
CA GLU A 99 -0.91 9.72 13.95
C GLU A 99 -1.05 11.24 14.00
N ASN A 100 -1.46 11.74 15.16
CA ASN A 100 -1.62 13.19 15.36
C ASN A 100 -0.26 13.88 15.22
N VAL A 101 0.78 13.29 15.81
CA VAL A 101 2.10 13.89 15.73
C VAL A 101 2.59 14.01 14.28
N LEU A 102 2.54 12.92 13.54
CA LEU A 102 2.98 12.93 12.15
C LEU A 102 2.09 13.87 11.33
N ALA A 103 0.78 13.77 11.56
CA ALA A 103 -0.17 14.62 10.84
C ALA A 103 0.20 16.08 11.05
N GLU A 104 0.45 16.42 12.31
CA GLU A 104 0.81 17.79 12.64
C GLU A 104 2.11 18.16 11.95
N MET A 105 3.06 17.23 11.92
CA MET A 105 4.34 17.48 11.28
C MET A 105 4.19 17.69 9.78
N VAL A 106 3.34 16.86 9.15
CA VAL A 106 3.13 16.98 7.71
C VAL A 106 2.41 18.28 7.37
N ASN A 107 1.43 18.64 8.18
CA ASN A 107 0.68 19.87 7.95
C ASN A 107 1.59 21.09 8.01
N ASP A 108 2.57 21.06 8.90
CA ASP A 108 3.47 22.19 9.02
C ASP A 108 4.55 22.18 7.96
N ALA A 109 4.90 21.00 7.46
CA ALA A 109 5.94 20.89 6.44
C ALA A 109 5.47 21.22 5.03
N VAL A 110 4.27 20.77 4.68
CA VAL A 110 3.76 20.98 3.33
C VAL A 110 2.75 22.12 3.24
N PRO A 111 3.13 23.22 2.56
CA PRO A 111 2.32 24.43 2.36
C PRO A 111 0.83 24.20 2.08
N SER A 112 0.54 23.40 1.07
CA SER A 112 -0.82 23.14 0.68
C SER A 112 -1.62 22.22 1.60
N ILE A 113 -0.92 21.50 2.48
CA ILE A 113 -1.60 20.57 3.37
C ILE A 113 -2.09 21.18 4.69
N GLU A 114 -3.40 21.21 4.86
CA GLU A 114 -4.00 21.74 6.09
C GLU A 114 -4.66 20.57 6.82
N MET A 115 -4.93 19.51 6.06
CA MET A 115 -5.53 18.28 6.61
C MET A 115 -4.92 17.13 5.80
N VAL A 116 -4.63 16.02 6.48
CA VAL A 116 -4.01 14.85 5.85
C VAL A 116 -4.62 13.51 6.24
N ARG A 117 -4.50 12.55 5.34
CA ARG A 117 -4.98 11.20 5.56
C ARG A 117 -3.81 10.28 5.21
N PHE A 118 -3.41 9.44 6.15
CA PHE A 118 -2.31 8.52 5.91
C PHE A 118 -2.82 7.28 5.23
N VAL A 119 -2.02 6.75 4.30
CA VAL A 119 -2.35 5.54 3.59
C VAL A 119 -1.13 4.67 3.66
N ASN A 120 -1.05 3.63 2.83
CA ASN A 120 0.12 2.77 2.95
C ASN A 120 1.16 2.82 1.86
N SER A 121 0.90 3.62 0.82
CA SER A 121 1.85 3.76 -0.29
C SER A 121 1.48 4.96 -1.15
N GLY A 122 2.36 5.31 -2.07
CA GLY A 122 2.09 6.43 -2.96
C GLY A 122 0.97 6.07 -3.93
N THR A 123 0.88 4.78 -4.27
CA THR A 123 -0.16 4.31 -5.18
C THR A 123 -1.54 4.56 -4.56
N GLU A 124 -1.66 4.27 -3.26
CA GLU A 124 -2.94 4.47 -2.58
C GLU A 124 -3.24 5.95 -2.43
N ALA A 125 -2.21 6.73 -2.12
CA ALA A 125 -2.41 8.17 -1.96
C ALA A 125 -2.90 8.79 -3.25
N CYS A 126 -2.27 8.45 -4.37
CA CYS A 126 -2.67 9.01 -5.65
C CYS A 126 -4.07 8.56 -6.06
N MET A 127 -4.37 7.27 -5.85
CA MET A 127 -5.67 6.73 -6.20
C MET A 127 -6.74 7.46 -5.39
N ALA A 128 -6.41 7.76 -4.14
CA ALA A 128 -7.33 8.47 -3.26
C ALA A 128 -7.51 9.92 -3.72
N VAL A 129 -6.41 10.58 -4.06
CA VAL A 129 -6.51 11.96 -4.50
C VAL A 129 -7.27 12.06 -5.82
N LEU A 130 -7.20 11.01 -6.63
CA LEU A 130 -7.90 10.98 -7.91
C LEU A 130 -9.39 10.99 -7.60
N ARG A 131 -9.80 10.08 -6.72
CA ARG A 131 -11.19 9.98 -6.31
C ARG A 131 -11.67 11.27 -5.66
N ILE A 132 -10.81 11.90 -4.86
CA ILE A 132 -11.20 13.14 -4.19
C ILE A 132 -11.32 14.30 -5.18
N MET A 133 -10.46 14.32 -6.20
CA MET A 133 -10.51 15.39 -7.21
C MET A 133 -11.87 15.37 -7.90
N ARG A 134 -12.27 14.19 -8.35
CA ARG A 134 -13.52 14.03 -9.06
C ARG A 134 -14.72 14.22 -8.14
N ALA A 135 -14.61 13.75 -6.90
CA ALA A 135 -15.71 13.89 -5.95
C ALA A 135 -15.93 15.34 -5.53
N TYR A 136 -14.84 16.09 -5.39
CA TYR A 136 -14.93 17.50 -4.99
C TYR A 136 -15.45 18.43 -6.08
N THR A 137 -14.91 18.28 -7.29
CA THR A 137 -15.28 19.13 -8.41
C THR A 137 -16.55 18.69 -9.12
N GLY A 138 -16.83 17.39 -9.08
CA GLY A 138 -18.02 16.89 -9.75
C GLY A 138 -17.72 16.68 -11.21
N ARG A 139 -16.43 16.79 -11.58
CA ARG A 139 -15.97 16.59 -12.95
C ARG A 139 -15.25 15.24 -13.00
N ASP A 140 -15.32 14.55 -14.14
CA ASP A 140 -14.71 13.23 -14.27
C ASP A 140 -13.38 13.12 -15.01
N LYS A 141 -12.98 14.17 -15.71
CA LYS A 141 -11.74 14.12 -16.48
C LYS A 141 -10.53 14.71 -15.78
N ILE A 142 -9.41 14.02 -15.94
CA ILE A 142 -8.15 14.43 -15.35
C ILE A 142 -7.12 14.70 -16.42
N ILE A 143 -6.16 15.56 -16.10
CA ILE A 143 -5.08 15.85 -17.02
C ILE A 143 -3.78 15.40 -16.35
N LYS A 144 -3.10 14.43 -16.96
CA LYS A 144 -1.82 13.97 -16.45
C LYS A 144 -0.83 14.17 -17.57
N PHE A 145 0.44 14.30 -17.22
CA PHE A 145 1.47 14.51 -18.24
C PHE A 145 2.16 13.24 -18.68
N GLU A 146 2.61 13.25 -19.92
CA GLU A 146 3.30 12.12 -20.51
C GLU A 146 4.64 11.94 -19.81
N GLY A 147 4.90 10.73 -19.34
CA GLY A 147 6.15 10.47 -18.65
C GLY A 147 6.03 10.48 -17.13
N CYS A 148 4.96 11.07 -16.61
CA CYS A 148 4.76 11.10 -15.16
C CYS A 148 4.16 9.78 -14.69
N TYR A 149 4.44 9.41 -13.45
CA TYR A 149 3.94 8.17 -12.85
C TYR A 149 3.27 8.48 -11.53
N HIS A 150 2.06 7.99 -11.33
CA HIS A 150 1.32 8.24 -10.09
C HIS A 150 0.74 6.95 -9.52
N GLY A 151 1.55 5.90 -9.50
CA GLY A 151 1.09 4.64 -8.99
C GLY A 151 0.35 3.90 -10.09
N HIS A 152 -0.13 2.70 -9.80
CA HIS A 152 -0.81 1.90 -10.81
C HIS A 152 -2.34 1.89 -10.79
N ALA A 153 -2.97 2.90 -10.20
CA ALA A 153 -4.43 2.96 -10.24
C ALA A 153 -4.75 3.05 -11.72
N ASP A 154 -5.83 2.40 -12.15
CA ASP A 154 -6.23 2.39 -13.56
C ASP A 154 -6.09 3.68 -14.36
N MET A 155 -6.78 4.74 -13.92
CA MET A 155 -6.73 6.00 -14.64
C MET A 155 -5.34 6.61 -14.85
N PHE A 156 -4.36 6.19 -14.05
CA PHE A 156 -3.00 6.72 -14.20
C PHE A 156 -2.14 5.92 -15.18
N LEU A 157 -2.60 4.75 -15.57
CA LEU A 157 -1.83 3.92 -16.49
C LEU A 157 -1.95 4.44 -17.92
N VAL A 158 -1.71 5.73 -18.09
CA VAL A 158 -1.79 6.39 -19.39
C VAL A 158 -0.51 7.17 -19.62
N LYS A 159 0.27 6.74 -20.61
CA LYS A 159 1.53 7.41 -20.91
C LYS A 159 2.33 7.56 -19.63
N ALA A 160 2.41 6.47 -18.89
CA ALA A 160 3.14 6.45 -17.63
C ALA A 160 4.64 6.25 -17.79
N GLY A 161 5.40 6.84 -16.86
CA GLY A 161 6.83 6.71 -16.89
C GLY A 161 7.21 5.52 -16.02
N SER A 162 8.35 5.61 -15.34
CA SER A 162 8.82 4.54 -14.47
C SER A 162 8.95 3.24 -15.27
N GLY A 163 8.67 2.12 -14.61
CA GLY A 163 8.75 0.82 -15.25
C GLY A 163 8.09 0.70 -16.61
N VAL A 164 6.98 1.40 -16.81
CA VAL A 164 6.27 1.37 -18.08
C VAL A 164 7.19 1.89 -19.20
N ALA A 165 7.93 2.95 -18.89
CA ALA A 165 8.86 3.56 -19.84
C ALA A 165 10.10 2.71 -20.06
N THR A 166 10.62 2.12 -18.98
CA THR A 166 11.81 1.29 -19.06
C THR A 166 11.53 0.01 -19.82
N LEU A 167 10.39 -0.60 -19.53
CA LEU A 167 9.98 -1.85 -20.17
C LEU A 167 9.37 -1.65 -21.56
N GLY A 168 9.21 -0.38 -21.97
CA GLY A 168 8.65 -0.09 -23.28
C GLY A 168 7.25 -0.63 -23.51
N LEU A 169 6.44 -0.63 -22.45
CA LEU A 169 5.08 -1.13 -22.52
C LEU A 169 4.09 -0.05 -22.98
N PRO A 170 2.93 -0.49 -23.47
CA PRO A 170 1.90 0.45 -23.93
C PRO A 170 1.02 0.73 -22.71
N SER A 171 -0.03 1.53 -22.86
CA SER A 171 -0.89 1.77 -21.73
C SER A 171 -1.31 0.37 -21.29
N SER A 172 -1.14 0.07 -20.01
CA SER A 172 -1.46 -1.25 -19.48
C SER A 172 -2.82 -1.84 -19.83
N PRO A 173 -2.83 -3.11 -20.23
CA PRO A 173 -4.10 -3.75 -20.56
C PRO A 173 -4.78 -4.07 -19.23
N GLY A 174 -6.00 -4.59 -19.30
CA GLY A 174 -6.72 -4.92 -18.09
C GLY A 174 -7.53 -3.74 -17.58
N VAL A 175 -7.35 -2.58 -18.21
CA VAL A 175 -8.08 -1.38 -17.80
C VAL A 175 -9.14 -1.04 -18.83
N PRO A 176 -10.41 -0.94 -18.41
CA PRO A 176 -11.47 -0.59 -19.37
C PRO A 176 -11.16 0.73 -20.05
N LYS A 177 -11.23 0.74 -21.38
CA LYS A 177 -10.96 1.96 -22.14
C LYS A 177 -11.87 3.10 -21.76
N LYS A 178 -13.05 2.79 -21.24
CA LYS A 178 -14.00 3.81 -20.83
C LYS A 178 -13.49 4.53 -19.58
N THR A 179 -12.64 3.86 -18.82
CA THR A 179 -12.09 4.48 -17.62
C THR A 179 -10.91 5.38 -18.00
N THR A 180 -10.09 4.94 -18.94
CA THR A 180 -8.94 5.73 -19.37
C THR A 180 -9.34 6.88 -20.29
N ALA A 181 -10.59 6.87 -20.75
CA ALA A 181 -11.08 7.92 -21.64
C ALA A 181 -11.05 9.25 -20.88
N ASN A 182 -11.29 9.17 -19.58
CA ASN A 182 -11.31 10.37 -18.75
C ASN A 182 -9.94 10.86 -18.33
N THR A 183 -8.89 10.22 -18.85
CA THR A 183 -7.54 10.64 -18.54
C THR A 183 -6.90 11.32 -19.74
N LEU A 184 -6.91 12.65 -19.73
CA LEU A 184 -6.32 13.43 -20.81
C LEU A 184 -4.82 13.56 -20.57
N THR A 185 -4.03 13.52 -21.63
CA THR A 185 -2.59 13.63 -21.50
C THR A 185 -1.99 14.78 -22.28
N THR A 186 -0.93 15.34 -21.74
CA THR A 186 -0.22 16.46 -22.36
C THR A 186 1.27 16.34 -22.10
N PRO A 187 2.11 16.89 -22.99
CA PRO A 187 3.56 16.83 -22.82
C PRO A 187 3.95 17.67 -21.61
N TYR A 188 4.88 17.18 -20.80
CA TYR A 188 5.32 17.93 -19.63
C TYR A 188 5.92 19.27 -20.11
N ASN A 189 5.71 20.32 -19.33
CA ASN A 189 6.24 21.64 -19.68
C ASN A 189 5.56 22.25 -20.90
N ASP A 190 4.33 21.81 -21.19
CA ASP A 190 3.58 22.32 -22.33
C ASP A 190 2.26 22.95 -21.90
N LEU A 191 2.30 24.22 -21.51
CA LEU A 191 1.09 24.92 -21.06
C LEU A 191 0.00 25.00 -22.12
N GLU A 192 0.36 25.43 -23.33
CA GLU A 192 -0.62 25.54 -24.40
C GLU A 192 -1.41 24.27 -24.60
N ALA A 193 -0.70 23.13 -24.54
CA ALA A 193 -1.36 21.84 -24.71
C ALA A 193 -2.40 21.65 -23.61
N VAL A 194 -2.08 22.14 -22.41
CA VAL A 194 -2.99 22.03 -21.28
C VAL A 194 -4.13 23.00 -21.48
N LYS A 195 -3.82 24.19 -22.02
CA LYS A 195 -4.83 25.21 -22.28
C LYS A 195 -5.85 24.63 -23.25
N ALA A 196 -5.34 24.02 -24.31
CA ALA A 196 -6.19 23.43 -25.35
C ALA A 196 -7.12 22.37 -24.76
N LEU A 197 -6.58 21.54 -23.89
CA LEU A 197 -7.38 20.48 -23.28
C LEU A 197 -8.57 21.04 -22.50
N PHE A 198 -8.36 22.14 -21.79
CA PHE A 198 -9.47 22.73 -21.04
C PHE A 198 -10.51 23.25 -22.03
N ALA A 199 -10.05 23.93 -23.06
CA ALA A 199 -10.94 24.50 -24.07
C ALA A 199 -11.77 23.44 -24.80
N GLU A 200 -11.23 22.22 -24.91
CA GLU A 200 -11.92 21.14 -25.60
C GLU A 200 -12.87 20.35 -24.72
N ASN A 201 -12.71 20.46 -23.40
CA ASN A 201 -13.54 19.74 -22.47
C ASN A 201 -14.09 20.68 -21.41
N PRO A 202 -14.83 21.71 -21.83
CA PRO A 202 -15.40 22.69 -20.91
C PRO A 202 -16.26 22.06 -19.82
N GLY A 203 -15.89 22.33 -18.57
CA GLY A 203 -16.63 21.81 -17.43
C GLY A 203 -16.45 20.33 -17.14
N GLU A 204 -15.41 19.72 -17.71
CA GLU A 204 -15.16 18.31 -17.48
C GLU A 204 -13.86 17.99 -16.76
N ILE A 205 -12.95 18.95 -16.70
CA ILE A 205 -11.66 18.74 -16.05
C ILE A 205 -11.72 18.90 -14.53
N ALA A 206 -11.55 17.80 -13.81
CA ALA A 206 -11.57 17.83 -12.35
C ALA A 206 -10.31 18.52 -11.86
N GLY A 207 -9.19 18.26 -12.54
CA GLY A 207 -7.95 18.90 -12.14
C GLY A 207 -6.75 18.45 -12.93
N VAL A 208 -5.61 19.05 -12.61
CA VAL A 208 -4.35 18.73 -13.26
C VAL A 208 -3.42 18.12 -12.21
N ILE A 209 -2.98 16.89 -12.44
CA ILE A 209 -2.06 16.22 -11.51
C ILE A 209 -0.69 16.10 -12.15
N LEU A 210 0.37 16.24 -11.37
CA LEU A 210 1.72 16.12 -11.92
C LEU A 210 2.83 16.06 -10.86
N GLU A 211 4.01 15.65 -11.32
CA GLU A 211 5.19 15.61 -10.47
C GLU A 211 5.73 17.03 -10.70
N PRO A 212 5.72 17.89 -9.66
CA PRO A 212 6.23 19.27 -9.79
C PRO A 212 7.66 19.34 -10.32
N ILE A 213 8.37 18.23 -10.18
CA ILE A 213 9.73 18.06 -10.68
C ILE A 213 9.67 16.57 -10.99
N VAL A 214 9.93 16.22 -12.25
CA VAL A 214 9.83 14.82 -12.67
C VAL A 214 11.04 13.96 -12.37
N GLY A 215 10.75 12.72 -12.00
CA GLY A 215 11.81 11.77 -11.71
C GLY A 215 11.52 10.46 -12.43
N ASN A 216 10.29 10.30 -12.92
CA ASN A 216 9.90 9.05 -13.56
C ASN A 216 10.04 8.94 -15.07
N SER A 217 10.69 9.92 -15.67
CA SER A 217 10.96 9.90 -17.10
C SER A 217 12.34 10.54 -17.09
N GLY A 218 13.14 10.08 -16.13
CA GLY A 218 14.46 10.63 -15.94
C GLY A 218 14.21 11.86 -15.09
N PHE A 219 15.24 12.66 -14.87
CA PHE A 219 15.08 13.88 -14.09
C PHE A 219 14.69 15.04 -15.01
N ILE A 220 13.53 15.65 -14.76
CA ILE A 220 13.10 16.77 -15.58
C ILE A 220 12.52 17.86 -14.69
N VAL A 221 13.07 19.06 -14.82
CA VAL A 221 12.62 20.19 -14.03
C VAL A 221 11.66 21.05 -14.83
N PRO A 222 10.66 21.65 -14.16
CA PRO A 222 9.70 22.48 -14.89
C PRO A 222 10.36 23.77 -15.38
N ASP A 223 9.99 24.19 -16.59
CA ASP A 223 10.56 25.42 -17.14
C ASP A 223 10.01 26.58 -16.33
N ALA A 224 10.68 27.72 -16.41
CA ALA A 224 10.24 28.89 -15.68
C ALA A 224 8.78 29.15 -16.03
N GLY A 225 7.97 29.40 -15.01
CA GLY A 225 6.56 29.68 -15.24
C GLY A 225 5.61 28.51 -15.46
N PHE A 226 6.14 27.30 -15.64
CA PHE A 226 5.27 26.15 -15.89
C PHE A 226 4.31 25.87 -14.72
N LEU A 227 4.85 25.76 -13.51
CA LEU A 227 4.02 25.49 -12.34
C LEU A 227 3.09 26.66 -12.05
N GLU A 228 3.61 27.87 -12.18
CA GLU A 228 2.80 29.06 -11.93
C GLU A 228 1.65 29.10 -12.93
N GLY A 229 1.93 28.69 -14.17
CA GLY A 229 0.90 28.67 -15.19
C GLY A 229 -0.19 27.66 -14.91
N LEU A 230 0.20 26.47 -14.47
CA LEU A 230 -0.76 25.41 -14.17
C LEU A 230 -1.70 25.83 -13.05
N ARG A 231 -1.16 26.54 -12.05
CA ARG A 231 -1.96 27.04 -10.95
C ARG A 231 -2.96 28.06 -11.50
N GLU A 232 -2.44 28.94 -12.35
CA GLU A 232 -3.24 29.98 -12.98
C GLU A 232 -4.41 29.43 -13.78
N ILE A 233 -4.15 28.54 -14.72
CA ILE A 233 -5.23 28.01 -15.53
C ILE A 233 -6.22 27.13 -14.75
N THR A 234 -5.72 26.34 -13.81
CA THR A 234 -6.62 25.50 -13.02
C THR A 234 -7.57 26.41 -12.24
N LEU A 235 -7.04 27.48 -11.68
CA LEU A 235 -7.87 28.42 -10.93
C LEU A 235 -8.93 28.99 -11.85
N GLU A 236 -8.54 29.32 -13.08
CA GLU A 236 -9.47 29.89 -14.03
C GLU A 236 -10.69 29.02 -14.31
N HIS A 237 -10.49 27.71 -14.38
CA HIS A 237 -11.60 26.81 -14.65
C HIS A 237 -12.11 26.11 -13.41
N ASP A 238 -11.77 26.65 -12.25
CA ASP A 238 -12.17 26.06 -10.98
C ASP A 238 -11.74 24.61 -10.98
N ALA A 239 -10.53 24.36 -11.47
CA ALA A 239 -9.97 23.02 -11.50
C ALA A 239 -8.91 22.95 -10.42
N LEU A 240 -8.71 21.77 -9.87
CA LEU A 240 -7.71 21.58 -8.82
C LEU A 240 -6.32 21.31 -9.38
N LEU A 241 -5.31 21.79 -8.66
CA LEU A 241 -3.93 21.57 -9.05
C LEU A 241 -3.46 20.51 -8.06
N VAL A 242 -2.98 19.38 -8.56
CA VAL A 242 -2.54 18.30 -7.70
C VAL A 242 -1.08 17.95 -7.90
N PHE A 243 -0.30 18.21 -6.86
CA PHE A 243 1.13 17.90 -6.86
C PHE A 243 1.40 16.52 -6.30
N ASP A 244 2.00 15.68 -7.14
CA ASP A 244 2.37 14.34 -6.69
C ASP A 244 3.80 14.48 -6.21
N GLU A 245 3.97 14.66 -4.90
CA GLU A 245 5.30 14.79 -4.34
C GLU A 245 5.73 13.52 -3.62
N VAL A 246 5.22 12.38 -4.11
CA VAL A 246 5.56 11.09 -3.53
C VAL A 246 7.09 10.91 -3.61
N MET A 247 7.69 11.40 -4.68
CA MET A 247 9.14 11.30 -4.85
C MET A 247 9.87 12.58 -4.46
N THR A 248 9.31 13.73 -4.81
CA THR A 248 9.93 15.00 -4.48
C THR A 248 9.69 15.40 -3.03
N GLY A 249 8.60 14.91 -2.47
CA GLY A 249 8.26 15.24 -1.09
C GLY A 249 9.40 14.98 -0.13
N PHE A 250 9.71 15.97 0.70
CA PHE A 250 10.78 15.90 1.69
C PHE A 250 12.17 15.68 1.13
N ARG A 251 12.28 15.64 -0.20
CA ARG A 251 13.58 15.44 -0.84
C ARG A 251 14.07 16.72 -1.51
N ILE A 252 13.24 17.31 -2.37
CA ILE A 252 13.60 18.54 -3.05
C ILE A 252 13.80 19.64 -2.01
N ALA A 253 13.00 19.54 -0.95
CA ALA A 253 13.03 20.48 0.18
C ALA A 253 12.14 19.86 1.24
N TYR A 254 12.20 20.39 2.45
CA TYR A 254 11.38 19.86 3.53
C TYR A 254 9.90 19.96 3.16
N GLY A 255 9.56 21.01 2.41
CA GLY A 255 8.19 21.20 1.98
C GLY A 255 8.02 20.84 0.52
N GLY A 256 8.97 20.09 -0.01
CA GLY A 256 8.89 19.67 -1.41
C GLY A 256 9.00 20.79 -2.42
N VAL A 257 8.67 20.46 -3.68
CA VAL A 257 8.71 21.42 -4.76
C VAL A 257 7.83 22.64 -4.51
N GLN A 258 6.63 22.42 -3.99
CA GLN A 258 5.71 23.53 -3.75
C GLN A 258 6.32 24.60 -2.84
N GLU A 259 7.06 24.16 -1.83
CA GLU A 259 7.70 25.11 -0.92
C GLU A 259 8.90 25.76 -1.59
N LYS A 260 9.75 24.94 -2.22
CA LYS A 260 10.96 25.43 -2.86
C LYS A 260 10.75 26.37 -4.05
N PHE A 261 9.66 26.17 -4.79
CA PHE A 261 9.38 27.03 -5.94
C PHE A 261 8.25 28.01 -5.72
N GLY A 262 7.67 27.99 -4.52
CA GLY A 262 6.60 28.92 -4.19
C GLY A 262 5.30 28.81 -4.98
N VAL A 263 4.90 27.58 -5.31
CA VAL A 263 3.65 27.36 -6.02
C VAL A 263 2.87 26.40 -5.14
N THR A 264 1.68 26.82 -4.70
CA THR A 264 0.87 26.00 -3.83
C THR A 264 -0.32 25.33 -4.50
N PRO A 265 -0.31 23.99 -4.56
CA PRO A 265 -1.40 23.23 -5.17
C PRO A 265 -2.59 23.17 -4.21
N ASP A 266 -3.64 22.47 -4.61
CA ASP A 266 -4.83 22.33 -3.78
C ASP A 266 -4.80 21.03 -3.02
N LEU A 267 -4.09 20.06 -3.59
CA LEU A 267 -3.94 18.72 -3.01
C LEU A 267 -2.55 18.23 -3.39
N THR A 268 -1.96 17.38 -2.54
CA THR A 268 -0.66 16.80 -2.85
C THR A 268 -0.55 15.43 -2.20
N THR A 269 0.10 14.51 -2.90
CA THR A 269 0.28 13.17 -2.38
C THR A 269 1.71 13.00 -1.90
N LEU A 270 1.89 12.13 -0.92
CA LEU A 270 3.20 11.87 -0.36
C LEU A 270 3.41 10.38 -0.18
N GLY A 271 4.67 9.97 -0.16
CA GLY A 271 5.02 8.58 0.01
C GLY A 271 6.51 8.47 0.25
N LYS A 272 7.06 7.29 0.03
CA LYS A 272 8.49 7.05 0.18
C LYS A 272 9.08 7.59 1.48
N ILE A 273 9.71 8.76 1.40
CA ILE A 273 10.33 9.38 2.57
C ILE A 273 9.45 9.48 3.82
N ILE A 274 8.16 9.79 3.67
CA ILE A 274 7.31 9.89 4.86
C ILE A 274 7.16 8.55 5.58
N GLY A 275 7.57 7.47 4.92
CA GLY A 275 7.50 6.16 5.51
C GLY A 275 8.84 5.79 6.15
N GLY A 276 9.84 6.62 5.89
CA GLY A 276 11.17 6.42 6.43
C GLY A 276 11.75 5.03 6.30
N GLY A 277 11.33 4.30 5.28
CA GLY A 277 11.83 2.95 5.11
C GLY A 277 10.72 1.93 5.32
N LEU A 278 9.55 2.40 5.75
CA LEU A 278 8.39 1.54 5.96
C LEU A 278 7.28 1.92 4.98
N PRO A 279 6.30 1.04 4.77
CA PRO A 279 5.21 1.36 3.83
C PRO A 279 4.26 2.44 4.33
N VAL A 280 4.43 3.65 3.84
CA VAL A 280 3.57 4.76 4.22
C VAL A 280 3.33 5.72 3.06
N GLY A 281 2.17 6.36 3.09
CA GLY A 281 1.83 7.33 2.08
C GLY A 281 0.83 8.26 2.71
N ALA A 282 0.49 9.32 2.00
CA ALA A 282 -0.46 10.27 2.51
C ALA A 282 -0.95 11.22 1.44
N TYR A 283 -2.16 11.72 1.62
CA TYR A 283 -2.69 12.70 0.70
C TYR A 283 -3.37 13.73 1.57
N GLY A 284 -3.17 14.99 1.22
CA GLY A 284 -3.76 16.06 1.99
C GLY A 284 -3.84 17.29 1.11
N GLY A 285 -4.26 18.39 1.72
CA GLY A 285 -4.38 19.63 0.97
C GLY A 285 -5.35 20.55 1.68
N LYS A 286 -6.05 21.37 0.91
CA LYS A 286 -7.01 22.31 1.46
C LYS A 286 -8.08 21.60 2.30
N ARG A 287 -8.29 22.15 3.49
CA ARG A 287 -9.25 21.62 4.47
C ARG A 287 -10.65 21.37 3.90
N GLU A 288 -11.19 22.35 3.17
CA GLU A 288 -12.52 22.23 2.60
C GLU A 288 -12.63 21.05 1.63
N ILE A 289 -11.50 20.64 1.04
CA ILE A 289 -11.54 19.52 0.11
C ILE A 289 -11.41 18.21 0.88
N MET A 290 -10.50 18.18 1.85
CA MET A 290 -10.28 16.97 2.64
C MET A 290 -11.51 16.56 3.46
N GLN A 291 -12.36 17.53 3.78
CA GLN A 291 -13.56 17.25 4.55
C GLN A 291 -14.53 16.32 3.84
N LEU A 292 -14.32 16.09 2.55
CA LEU A 292 -15.19 15.18 1.80
C LEU A 292 -14.78 13.74 2.08
N VAL A 293 -13.57 13.56 2.58
CA VAL A 293 -13.07 12.24 2.90
C VAL A 293 -13.75 11.68 4.15
N ALA A 294 -14.25 10.46 4.05
CA ALA A 294 -14.91 9.80 5.17
C ALA A 294 -13.89 9.60 6.29
N PRO A 295 -14.34 9.55 7.55
CA PRO A 295 -15.74 9.69 7.96
C PRO A 295 -16.22 11.13 8.11
N ALA A 296 -15.42 12.07 7.63
CA ALA A 296 -15.82 13.48 7.71
C ALA A 296 -16.85 13.71 6.61
N GLY A 297 -16.55 13.18 5.43
CA GLY A 297 -17.44 13.34 4.28
C GLY A 297 -17.93 12.03 3.70
N PRO A 298 -18.53 12.08 2.49
CA PRO A 298 -19.07 10.91 1.79
C PRO A 298 -18.11 10.03 0.99
N MET A 299 -16.92 10.55 0.67
CA MET A 299 -15.98 9.76 -0.12
C MET A 299 -15.26 8.73 0.76
N TYR A 300 -15.70 7.48 0.64
CA TYR A 300 -15.15 6.40 1.44
C TYR A 300 -13.77 5.94 0.98
N GLN A 301 -12.83 5.95 1.92
CA GLN A 301 -11.46 5.52 1.68
C GLN A 301 -10.96 4.96 3.01
N ALA A 302 -10.65 3.66 3.02
CA ALA A 302 -10.17 3.01 4.23
C ALA A 302 -8.80 2.33 4.05
N GLY A 303 -8.29 1.80 5.14
CA GLY A 303 -7.01 1.11 5.12
C GLY A 303 -6.76 0.45 6.47
N THR A 304 -6.55 -0.86 6.45
CA THR A 304 -6.31 -1.60 7.68
C THR A 304 -5.05 -1.15 8.41
N LEU A 305 -3.93 -1.11 7.68
CA LEU A 305 -2.64 -0.73 8.24
C LEU A 305 -2.35 0.77 8.24
N SER A 306 -3.29 1.57 7.74
CA SER A 306 -3.08 3.01 7.67
C SER A 306 -2.94 3.67 9.04
N GLY A 307 -1.87 4.45 9.20
CA GLY A 307 -1.62 5.13 10.44
C GLY A 307 -1.18 4.21 11.57
N ASN A 308 -0.63 3.05 11.24
CA ASN A 308 -0.17 2.16 12.30
C ASN A 308 1.01 2.83 13.00
N PRO A 309 1.16 2.60 14.32
CA PRO A 309 2.23 3.19 15.12
C PRO A 309 3.65 3.01 14.63
N LEU A 310 3.94 1.85 14.04
CA LEU A 310 5.28 1.56 13.55
C LEU A 310 5.66 2.50 12.40
N ALA A 311 4.78 2.59 11.41
CA ALA A 311 5.00 3.45 10.26
C ALA A 311 5.08 4.91 10.68
N MET A 312 4.19 5.33 11.58
CA MET A 312 4.19 6.71 12.05
C MET A 312 5.52 7.01 12.73
N THR A 313 6.03 6.07 13.51
CA THR A 313 7.31 6.28 14.20
C THR A 313 8.42 6.49 13.18
N ALA A 314 8.42 5.66 12.14
CA ALA A 314 9.44 5.76 11.09
C ALA A 314 9.38 7.14 10.45
N GLY A 315 8.16 7.60 10.15
CA GLY A 315 7.97 8.89 9.52
C GLY A 315 8.36 10.07 10.40
N ILE A 316 7.94 10.05 11.66
CA ILE A 316 8.25 11.12 12.58
C ILE A 316 9.77 11.25 12.77
N LYS A 317 10.44 10.15 13.05
CA LYS A 317 11.89 10.18 13.26
C LYS A 317 12.62 10.69 12.04
N THR A 318 12.17 10.24 10.87
CA THR A 318 12.78 10.64 9.60
C THR A 318 12.63 12.15 9.39
N LEU A 319 11.42 12.68 9.54
CA LEU A 319 11.21 14.10 9.37
C LEU A 319 11.98 14.90 10.43
N GLU A 320 12.07 14.36 11.64
CA GLU A 320 12.82 15.06 12.70
C GLU A 320 14.28 15.22 12.30
N LEU A 321 14.84 14.20 11.67
CA LEU A 321 16.22 14.23 11.22
C LEU A 321 16.37 15.24 10.07
N LEU A 322 15.36 15.31 9.22
CA LEU A 322 15.40 16.23 8.09
C LEU A 322 15.26 17.68 8.51
N ARG A 323 14.69 17.91 9.68
CA ARG A 323 14.51 19.27 10.17
C ARG A 323 15.78 19.86 10.75
N GLN A 324 16.76 19.00 11.04
CA GLN A 324 18.02 19.47 11.59
C GLN A 324 18.67 20.42 10.58
N PRO A 325 19.47 21.38 11.06
CA PRO A 325 20.15 22.35 10.18
C PRO A 325 21.21 21.78 9.27
N GLY A 326 21.36 22.40 8.10
CA GLY A 326 22.35 21.98 7.12
C GLY A 326 21.98 20.79 6.27
N THR A 327 20.86 20.15 6.59
CA THR A 327 20.43 18.98 5.85
C THR A 327 20.30 19.16 4.34
N TYR A 328 19.36 19.99 3.89
CA TYR A 328 19.19 20.19 2.47
C TYR A 328 20.37 20.91 1.83
N GLU A 329 21.06 21.73 2.62
CA GLU A 329 22.24 22.43 2.10
C GLU A 329 23.24 21.35 1.72
N TYR A 330 23.42 20.39 2.62
CA TYR A 330 24.36 19.31 2.36
C TYR A 330 23.98 18.49 1.12
N LEU A 331 22.72 18.06 1.06
CA LEU A 331 22.26 17.26 -0.07
C LEU A 331 22.54 17.96 -1.39
N ASP A 332 22.27 19.25 -1.45
CA ASP A 332 22.50 19.99 -2.68
C ASP A 332 23.99 20.16 -2.96
N GLN A 333 24.78 20.25 -1.88
CA GLN A 333 26.23 20.42 -1.98
C GLN A 333 26.91 19.20 -2.61
N ILE A 334 26.59 18.01 -2.10
CA ILE A 334 27.20 16.79 -2.65
C ILE A 334 26.59 16.32 -3.95
N THR A 335 25.31 16.64 -4.18
CA THR A 335 24.64 16.21 -5.40
C THR A 335 25.04 17.04 -6.61
N LYS A 336 25.25 18.34 -6.40
CA LYS A 336 25.64 19.22 -7.49
C LYS A 336 27.04 18.81 -7.97
N ARG A 337 27.92 18.52 -7.02
CA ARG A 337 29.28 18.12 -7.36
C ARG A 337 29.24 16.82 -8.15
N LEU A 338 28.43 15.89 -7.67
CA LEU A 338 28.28 14.61 -8.34
C LEU A 338 27.73 14.84 -9.74
N SER A 339 26.66 15.62 -9.81
CA SER A 339 26.02 15.91 -11.09
C SER A 339 27.02 16.58 -12.04
N ASP A 340 27.62 17.67 -11.59
CA ASP A 340 28.60 18.37 -12.42
C ASP A 340 29.71 17.40 -12.81
N GLY A 341 30.06 16.51 -11.88
CA GLY A 341 31.11 15.53 -12.14
C GLY A 341 30.81 14.64 -13.33
N LEU A 342 29.67 13.95 -13.28
CA LEU A 342 29.26 13.05 -14.36
C LEU A 342 29.24 13.75 -15.71
N LEU A 343 28.76 14.98 -15.74
CA LEU A 343 28.69 15.73 -16.98
C LEU A 343 30.08 16.14 -17.47
N ALA A 344 30.91 16.62 -16.55
CA ALA A 344 32.26 17.03 -16.91
C ALA A 344 33.01 15.81 -17.42
N ILE A 345 32.72 14.65 -16.83
CA ILE A 345 33.37 13.40 -17.22
C ILE A 345 32.90 12.94 -18.59
N ALA A 346 31.60 13.06 -18.85
CA ALA A 346 31.06 12.65 -20.15
C ALA A 346 31.67 13.53 -21.23
N GLN A 347 31.73 14.82 -20.95
CA GLN A 347 32.29 15.77 -21.90
C GLN A 347 33.71 15.38 -22.26
N GLU A 348 34.54 15.23 -21.24
CA GLU A 348 35.93 14.87 -21.44
C GLU A 348 36.09 13.54 -22.16
N THR A 349 35.24 12.57 -21.82
CA THR A 349 35.31 11.27 -22.45
C THR A 349 34.60 11.24 -23.80
N GLY A 350 34.08 12.40 -24.19
CA GLY A 350 33.41 12.50 -25.48
C GLY A 350 32.03 11.89 -25.60
N HIS A 351 31.25 11.91 -24.53
CA HIS A 351 29.90 11.38 -24.58
C HIS A 351 28.87 12.48 -24.44
N ALA A 352 27.90 12.49 -25.36
CA ALA A 352 26.84 13.49 -25.33
C ALA A 352 26.01 13.18 -24.09
N ALA A 353 25.84 14.17 -23.23
CA ALA A 353 25.06 13.96 -22.01
C ALA A 353 24.43 15.25 -21.53
N CYS A 354 23.48 15.11 -20.62
CA CYS A 354 22.80 16.26 -20.05
C CYS A 354 22.12 15.85 -18.76
N GLY A 355 21.48 16.83 -18.11
CA GLY A 355 20.79 16.56 -16.88
C GLY A 355 21.14 17.63 -15.88
N GLY A 356 20.83 17.36 -14.61
CA GLY A 356 21.12 18.31 -13.57
C GLY A 356 20.65 17.77 -12.25
N GLN A 357 20.44 18.66 -11.29
CA GLN A 357 19.99 18.22 -9.98
C GLN A 357 19.43 19.38 -9.19
N VAL A 358 18.58 19.03 -8.22
CA VAL A 358 17.98 19.97 -7.30
C VAL A 358 17.99 19.19 -6.00
N SER A 359 18.69 19.73 -5.01
CA SER A 359 18.83 19.05 -3.72
C SER A 359 19.38 17.64 -3.99
N GLY A 360 18.95 16.67 -3.20
CA GLY A 360 19.45 15.30 -3.38
C GLY A 360 18.75 14.47 -4.43
N MET A 361 18.37 15.08 -5.54
CA MET A 361 17.70 14.39 -6.63
C MET A 361 18.39 14.83 -7.92
N PHE A 362 18.83 13.88 -8.73
CA PHE A 362 19.52 14.24 -9.96
C PHE A 362 19.18 13.30 -11.13
N GLY A 363 19.66 13.68 -12.30
CA GLY A 363 19.43 12.88 -13.49
C GLY A 363 20.63 13.01 -14.43
N PHE A 364 20.90 11.94 -15.16
CA PHE A 364 22.02 11.89 -16.10
C PHE A 364 21.54 11.20 -17.36
N PHE A 365 21.40 11.94 -18.46
CA PHE A 365 20.93 11.36 -19.72
C PHE A 365 22.05 11.24 -20.76
N PHE A 366 22.03 10.14 -21.51
CA PHE A 366 23.01 9.97 -22.56
C PHE A 366 22.43 10.53 -23.85
N THR A 367 22.34 11.85 -23.90
CA THR A 367 21.82 12.60 -25.03
C THR A 367 22.21 14.05 -24.79
N GLU A 368 22.55 14.76 -25.86
CA GLU A 368 22.95 16.16 -25.71
C GLU A 368 21.83 16.98 -25.07
N GLY A 369 20.58 16.61 -25.38
CA GLY A 369 19.44 17.32 -24.83
C GLY A 369 19.40 18.76 -25.28
N PRO A 370 18.94 19.68 -24.42
CA PRO A 370 18.45 19.44 -23.06
C PRO A 370 17.11 18.70 -23.05
N VAL A 371 16.75 18.17 -21.89
CA VAL A 371 15.49 17.44 -21.73
C VAL A 371 14.44 18.33 -21.04
N HIS A 372 13.31 18.51 -21.71
CA HIS A 372 12.22 19.33 -21.17
C HIS A 372 10.97 18.49 -20.99
N ASN A 373 10.94 17.32 -21.61
CA ASN A 373 9.79 16.45 -21.53
C ASN A 373 10.17 15.01 -21.79
N TYR A 374 9.20 14.12 -21.68
CA TYR A 374 9.43 12.70 -21.90
C TYR A 374 9.99 12.37 -23.29
N GLU A 375 9.47 13.02 -24.32
CA GLU A 375 9.93 12.77 -25.68
C GLU A 375 11.43 13.04 -25.79
N ASP A 376 11.88 14.13 -25.19
CA ASP A 376 13.30 14.50 -25.20
C ASP A 376 14.13 13.45 -24.47
N ALA A 377 13.55 12.88 -23.41
CA ALA A 377 14.23 11.87 -22.61
C ALA A 377 14.42 10.59 -23.40
N LYS A 378 13.39 10.18 -24.12
CA LYS A 378 13.43 8.96 -24.92
C LYS A 378 14.52 8.98 -26.00
N LYS A 379 15.12 10.15 -26.23
CA LYS A 379 16.17 10.26 -27.23
C LYS A 379 17.53 9.87 -26.66
N SER A 380 17.54 9.41 -25.41
CA SER A 380 18.78 9.01 -24.77
C SER A 380 19.24 7.70 -25.40
N ASP A 381 20.55 7.51 -25.46
CA ASP A 381 21.09 6.26 -26.02
C ASP A 381 20.98 5.19 -24.94
N LEU A 382 19.91 4.40 -25.00
CA LEU A 382 19.65 3.36 -24.02
C LEU A 382 20.68 2.22 -24.03
N GLN A 383 21.34 2.00 -25.17
CA GLN A 383 22.35 0.95 -25.26
C GLN A 383 23.56 1.41 -24.47
N LYS A 384 23.91 2.67 -24.63
CA LYS A 384 25.05 3.23 -23.92
C LYS A 384 24.78 3.17 -22.42
N PHE A 385 23.60 3.63 -22.01
CA PHE A 385 23.24 3.62 -20.59
C PHE A 385 23.41 2.23 -20.00
N SER A 386 22.94 1.23 -20.74
CA SER A 386 23.03 -0.17 -20.31
C SER A 386 24.46 -0.58 -20.03
N ARG A 387 25.38 -0.24 -20.94
CA ARG A 387 26.77 -0.59 -20.76
C ARG A 387 27.34 0.22 -19.60
N PHE A 388 26.89 1.46 -19.48
CA PHE A 388 27.33 2.36 -18.42
C PHE A 388 26.85 1.89 -17.04
N HIS A 389 25.61 1.41 -16.99
CA HIS A 389 25.06 0.95 -15.73
C HIS A 389 25.78 -0.31 -15.25
N ARG A 390 26.09 -1.21 -16.17
CA ARG A 390 26.78 -2.45 -15.82
C ARG A 390 28.24 -2.20 -15.40
N GLY A 391 28.89 -1.28 -16.10
CA GLY A 391 30.26 -0.94 -15.78
C GLY A 391 30.36 -0.29 -14.41
N MET A 392 29.36 0.53 -14.07
CA MET A 392 29.35 1.18 -12.78
C MET A 392 29.16 0.13 -11.69
N LEU A 393 28.35 -0.89 -11.99
CA LEU A 393 28.09 -1.97 -11.06
C LEU A 393 29.39 -2.70 -10.73
N GLU A 394 30.20 -2.93 -11.77
CA GLU A 394 31.47 -3.61 -11.61
C GLU A 394 32.44 -2.73 -10.83
N GLN A 395 32.24 -1.41 -10.93
CA GLN A 395 33.08 -0.45 -10.24
C GLN A 395 32.58 -0.12 -8.83
N GLY A 396 31.58 -0.85 -8.36
CA GLY A 396 31.07 -0.63 -7.01
C GLY A 396 30.03 0.46 -6.82
N ILE A 397 29.37 0.87 -7.90
CA ILE A 397 28.36 1.90 -7.82
C ILE A 397 27.01 1.34 -8.25
N TYR A 398 25.99 1.48 -7.40
CA TYR A 398 24.67 0.97 -7.70
C TYR A 398 23.74 2.09 -8.18
N LEU A 399 23.41 2.06 -9.47
CA LEU A 399 22.53 3.05 -10.06
C LEU A 399 21.20 2.38 -10.41
N ALA A 400 20.15 3.18 -10.53
CA ALA A 400 18.83 2.64 -10.87
C ALA A 400 18.95 1.97 -12.23
N PRO A 401 18.44 0.74 -12.36
CA PRO A 401 18.49 -0.02 -13.62
C PRO A 401 17.56 0.53 -14.70
N SER A 402 17.69 1.83 -14.97
CA SER A 402 16.87 2.49 -15.98
C SER A 402 17.30 3.93 -16.21
N GLN A 403 17.24 4.35 -17.47
CA GLN A 403 17.59 5.71 -17.85
C GLN A 403 16.45 6.67 -17.52
N PHE A 404 15.27 6.11 -17.28
CA PHE A 404 14.09 6.93 -16.97
C PHE A 404 13.78 7.10 -15.47
N GLU A 405 14.77 6.82 -14.63
CA GLU A 405 14.62 6.96 -13.19
C GLU A 405 15.64 7.97 -12.68
N ALA A 406 15.20 8.90 -11.85
CA ALA A 406 16.09 9.91 -11.28
C ALA A 406 17.00 9.23 -10.26
N GLY A 407 18.16 9.83 -10.01
CA GLY A 407 19.10 9.28 -9.05
C GLY A 407 18.89 9.94 -7.71
N PHE A 408 19.28 9.26 -6.63
CA PHE A 408 19.11 9.83 -5.30
C PHE A 408 20.38 9.78 -4.47
N THR A 409 20.56 10.78 -3.62
CA THR A 409 21.70 10.83 -2.71
C THR A 409 21.08 10.94 -1.33
N SER A 410 21.88 10.74 -0.29
CA SER A 410 21.36 10.83 1.07
C SER A 410 22.33 11.55 1.99
N LEU A 411 21.86 11.82 3.19
CA LEU A 411 22.65 12.50 4.20
C LEU A 411 23.79 11.59 4.62
N ALA A 412 23.74 10.33 4.18
CA ALA A 412 24.77 9.37 4.53
C ALA A 412 25.94 9.35 3.55
N HIS A 413 25.70 9.80 2.31
CA HIS A 413 26.76 9.84 1.31
C HIS A 413 27.80 10.86 1.74
N THR A 414 29.06 10.44 1.80
CA THR A 414 30.15 11.33 2.20
C THR A 414 30.80 11.92 0.95
N GLU A 415 31.57 12.99 1.14
CA GLU A 415 32.25 13.62 0.01
C GLU A 415 33.14 12.53 -0.57
N GLU A 416 33.62 11.67 0.32
CA GLU A 416 34.49 10.56 -0.06
C GLU A 416 33.76 9.61 -1.01
N ASP A 417 32.53 9.26 -0.67
CA ASP A 417 31.73 8.37 -1.51
C ASP A 417 31.51 8.97 -2.90
N ILE A 418 31.29 10.28 -2.94
CA ILE A 418 31.07 10.97 -4.21
C ILE A 418 32.32 10.87 -5.08
N ASP A 419 33.47 11.18 -4.49
CA ASP A 419 34.74 11.12 -5.22
C ASP A 419 34.92 9.73 -5.80
N ALA A 420 34.64 8.72 -4.97
CA ALA A 420 34.76 7.34 -5.42
C ALA A 420 33.80 7.06 -6.56
N THR A 421 32.61 7.67 -6.49
CA THR A 421 31.61 7.47 -7.55
C THR A 421 32.07 8.16 -8.83
N LEU A 422 32.64 9.36 -8.69
CA LEU A 422 33.13 10.09 -9.85
C LEU A 422 34.29 9.32 -10.50
N ALA A 423 35.13 8.73 -9.66
CA ALA A 423 36.26 7.96 -10.15
C ALA A 423 35.76 6.77 -10.97
N ALA A 424 34.72 6.12 -10.47
CA ALA A 424 34.13 4.97 -11.16
C ALA A 424 33.59 5.39 -12.52
N ALA A 425 32.88 6.52 -12.53
CA ALA A 425 32.31 7.06 -13.76
C ALA A 425 33.42 7.40 -14.75
N ARG A 426 34.54 7.90 -14.24
CA ARG A 426 35.67 8.25 -15.10
C ARG A 426 36.11 6.97 -15.79
N THR A 427 36.35 5.95 -14.98
CA THR A 427 36.79 4.65 -15.47
C THR A 427 35.79 4.00 -16.42
N VAL A 428 34.50 4.10 -16.08
CA VAL A 428 33.46 3.51 -16.92
C VAL A 428 33.26 4.25 -18.23
N MET A 429 33.13 5.57 -18.16
CA MET A 429 32.92 6.36 -19.37
C MET A 429 34.15 6.40 -20.27
N SER A 430 35.33 6.23 -19.69
CA SER A 430 36.55 6.24 -20.48
C SER A 430 36.58 4.95 -21.31
N ALA A 431 35.79 3.97 -20.89
CA ALA A 431 35.75 2.68 -21.58
C ALA A 431 34.47 2.47 -22.39
N LEU A 432 33.53 3.41 -22.32
CA LEU A 432 32.28 3.27 -23.05
C LEU A 432 32.50 3.24 -24.55
N PHE B 6 -14.99 4.26 34.64
CA PHE B 6 -14.47 4.10 33.25
C PHE B 6 -14.30 5.45 32.59
N LYS B 7 -13.09 5.99 32.66
CA LYS B 7 -12.79 7.29 32.07
C LYS B 7 -12.08 7.14 30.73
N THR B 8 -12.26 8.14 29.87
CA THR B 8 -11.65 8.13 28.55
C THR B 8 -11.24 9.56 28.19
N ILE B 9 -10.95 10.35 29.22
CA ILE B 9 -10.56 11.74 29.06
C ILE B 9 -9.46 11.92 28.02
N LYS B 10 -8.36 11.21 28.20
CA LYS B 10 -7.22 11.29 27.29
C LYS B 10 -7.60 10.89 25.86
N SER B 11 -8.49 9.92 25.72
CA SER B 11 -8.92 9.49 24.40
C SER B 11 -9.72 10.60 23.71
N ASP B 12 -10.65 11.20 24.45
CA ASP B 12 -11.47 12.27 23.90
C ASP B 12 -10.60 13.45 23.48
N GLU B 13 -9.64 13.81 24.32
CA GLU B 13 -8.75 14.93 24.02
C GLU B 13 -7.94 14.66 22.75
N ILE B 14 -7.34 13.47 22.67
CA ILE B 14 -6.54 13.14 21.51
C ILE B 14 -7.39 13.05 20.24
N PHE B 15 -8.59 12.47 20.36
CA PHE B 15 -9.48 12.36 19.21
C PHE B 15 -9.97 13.74 18.77
N ALA B 16 -10.29 14.59 19.75
CA ALA B 16 -10.76 15.92 19.47
C ALA B 16 -9.72 16.66 18.63
N ALA B 17 -8.45 16.54 19.01
CA ALA B 17 -7.37 17.19 18.29
C ALA B 17 -7.14 16.60 16.90
N ALA B 18 -7.36 15.29 16.75
CA ALA B 18 -7.16 14.63 15.47
C ALA B 18 -8.14 15.09 14.38
N GLN B 19 -9.35 15.45 14.78
CA GLN B 19 -10.36 15.89 13.84
C GLN B 19 -9.96 17.16 13.09
N LYS B 20 -8.96 17.87 13.60
CA LYS B 20 -8.50 19.09 12.96
C LYS B 20 -7.27 18.82 12.09
N LEU B 21 -6.74 17.61 12.20
CA LEU B 21 -5.55 17.21 11.47
C LEU B 21 -5.82 16.20 10.35
N MET B 22 -6.84 15.37 10.55
CA MET B 22 -7.18 14.34 9.58
C MET B 22 -8.69 14.27 9.45
N PRO B 23 -9.19 13.83 8.28
CA PRO B 23 -10.63 13.74 8.07
C PRO B 23 -11.26 12.81 9.10
N GLY B 24 -12.24 13.33 9.84
CA GLY B 24 -12.88 12.51 10.86
C GLY B 24 -11.94 12.18 12.00
N GLY B 25 -10.73 12.73 11.96
CA GLY B 25 -9.76 12.47 13.01
C GLY B 25 -9.22 11.06 13.04
N VAL B 26 -9.32 10.35 11.91
CA VAL B 26 -8.85 8.98 11.80
C VAL B 26 -8.19 8.67 10.45
N SER B 27 -7.47 7.56 10.37
CA SER B 27 -6.82 7.14 9.13
C SER B 27 -7.69 6.12 8.41
N SER B 28 -8.82 5.79 9.01
CA SER B 28 -9.76 4.84 8.42
C SER B 28 -11.14 5.06 9.03
N PRO B 29 -12.17 5.25 8.19
CA PRO B 29 -13.56 5.50 8.55
C PRO B 29 -14.11 4.86 9.83
N VAL B 30 -14.20 3.54 9.83
CA VAL B 30 -14.75 2.83 10.99
C VAL B 30 -14.18 3.22 12.34
N ARG B 31 -12.88 3.56 12.37
CA ARG B 31 -12.23 3.93 13.63
C ARG B 31 -12.88 5.11 14.35
N ALA B 32 -13.69 5.89 13.63
CA ALA B 32 -14.32 7.04 14.24
C ALA B 32 -15.50 6.69 15.15
N PHE B 33 -15.90 5.42 15.17
CA PHE B 33 -17.00 4.98 16.04
C PHE B 33 -18.36 5.60 15.74
N LYS B 34 -18.53 6.17 14.55
CA LYS B 34 -19.80 6.81 14.21
C LYS B 34 -21.01 5.88 14.14
N SER B 35 -20.79 4.57 14.19
CA SER B 35 -21.91 3.65 14.14
C SER B 35 -22.26 3.15 15.53
N VAL B 36 -21.51 3.60 16.53
CA VAL B 36 -21.75 3.17 17.90
C VAL B 36 -21.59 4.27 18.95
N GLY B 37 -21.96 5.50 18.60
CA GLY B 37 -21.85 6.58 19.56
C GLY B 37 -20.91 7.74 19.21
N GLY B 38 -19.85 7.45 18.47
CA GLY B 38 -18.91 8.50 18.08
C GLY B 38 -17.82 8.83 19.08
N GLN B 39 -17.63 7.97 20.08
CA GLN B 39 -16.60 8.18 21.10
C GLN B 39 -15.54 7.08 21.05
N PRO B 40 -14.56 7.21 20.14
CA PRO B 40 -13.47 6.24 19.96
C PRO B 40 -12.47 6.20 21.11
N ILE B 41 -11.87 5.04 21.35
CA ILE B 41 -10.86 4.97 22.39
C ILE B 41 -9.51 4.95 21.67
N VAL B 42 -8.57 5.73 22.17
CA VAL B 42 -7.24 5.82 21.56
C VAL B 42 -6.27 4.81 22.19
N PHE B 43 -5.72 3.92 21.37
CA PHE B 43 -4.78 2.91 21.87
C PHE B 43 -3.37 3.47 22.07
N ASP B 44 -2.67 2.91 23.04
CA ASP B 44 -1.29 3.30 23.29
C ASP B 44 -0.41 2.08 23.04
N ARG B 45 -0.94 0.91 23.37
CA ARG B 45 -0.21 -0.34 23.19
C ARG B 45 -1.16 -1.54 23.20
N VAL B 46 -0.71 -2.62 22.60
CA VAL B 46 -1.48 -3.86 22.54
C VAL B 46 -0.50 -4.99 22.80
N LYS B 47 -0.97 -6.05 23.45
CA LYS B 47 -0.11 -7.18 23.75
C LYS B 47 -0.93 -8.44 23.98
N ASP B 48 -0.46 -9.54 23.41
CA ASP B 48 -1.16 -10.82 23.53
C ASP B 48 -2.59 -10.59 23.04
N ALA B 49 -3.57 -10.76 23.92
CA ALA B 49 -4.97 -10.56 23.53
C ALA B 49 -5.55 -9.27 24.10
N TYR B 50 -4.70 -8.40 24.62
CA TYR B 50 -5.17 -7.16 25.22
C TYR B 50 -4.74 -5.87 24.53
N ALA B 51 -5.46 -4.81 24.84
CA ALA B 51 -5.18 -3.48 24.30
C ALA B 51 -5.31 -2.50 25.47
N TRP B 52 -4.41 -1.53 25.51
CA TRP B 52 -4.43 -0.51 26.56
C TRP B 52 -4.71 0.88 26.02
N ASP B 53 -5.62 1.58 26.70
CA ASP B 53 -6.03 2.95 26.40
C ASP B 53 -4.91 3.90 26.76
N VAL B 54 -5.05 5.15 26.33
CA VAL B 54 -4.07 6.17 26.68
C VAL B 54 -4.49 6.61 28.09
N ASP B 55 -5.62 6.07 28.55
CA ASP B 55 -6.15 6.37 29.88
C ASP B 55 -5.77 5.28 30.89
N GLY B 56 -5.09 4.24 30.43
CA GLY B 56 -4.67 3.18 31.31
C GLY B 56 -5.63 2.00 31.37
N ASN B 57 -6.73 2.09 30.63
CA ASN B 57 -7.73 1.02 30.60
C ASN B 57 -7.26 -0.15 29.75
N ARG B 58 -7.53 -1.37 30.22
CA ARG B 58 -7.16 -2.56 29.47
C ARG B 58 -8.42 -3.23 28.92
N TYR B 59 -8.31 -3.80 27.73
CA TYR B 59 -9.45 -4.48 27.14
C TYR B 59 -9.02 -5.82 26.57
N ILE B 60 -9.95 -6.77 26.55
CA ILE B 60 -9.70 -8.04 25.93
C ILE B 60 -10.17 -7.71 24.50
N ASP B 61 -9.21 -7.72 23.59
CA ASP B 61 -9.41 -7.33 22.18
C ASP B 61 -9.91 -8.39 21.19
N TYR B 62 -11.06 -8.14 20.57
CA TYR B 62 -11.62 -9.06 19.59
C TYR B 62 -11.64 -8.44 18.19
N VAL B 63 -10.76 -7.47 18.00
CA VAL B 63 -10.61 -6.78 16.72
C VAL B 63 -9.28 -7.24 16.12
N GLY B 64 -8.29 -7.43 16.98
CA GLY B 64 -6.98 -7.90 16.55
C GLY B 64 -6.48 -7.09 15.36
N THR B 65 -6.56 -5.77 15.50
CA THR B 65 -6.19 -4.79 14.49
C THR B 65 -6.81 -5.12 13.14
N TRP B 66 -7.99 -5.73 13.23
CA TRP B 66 -8.80 -6.12 12.08
C TRP B 66 -8.38 -7.38 11.35
N GLY B 67 -7.68 -8.28 12.02
CA GLY B 67 -7.29 -9.51 11.37
C GLY B 67 -5.85 -9.94 11.47
N PRO B 68 -4.88 -9.03 11.30
CA PRO B 68 -3.45 -9.36 11.38
C PRO B 68 -2.92 -10.06 12.63
N ALA B 69 -3.37 -9.62 13.80
CA ALA B 69 -2.86 -10.19 15.06
C ALA B 69 -3.33 -11.59 15.43
N ILE B 70 -3.47 -12.48 14.45
CA ILE B 70 -3.92 -13.83 14.74
C ILE B 70 -3.04 -14.56 15.77
N CYS B 71 -1.74 -14.32 15.73
CA CYS B 71 -0.82 -14.97 16.67
C CYS B 71 -0.81 -14.25 18.02
N GLY B 72 -1.52 -13.14 18.10
CA GLY B 72 -1.54 -12.37 19.33
C GLY B 72 -0.79 -11.08 19.07
N HIS B 73 -1.14 -10.01 19.78
CA HIS B 73 -0.47 -8.72 19.61
C HIS B 73 0.97 -8.78 20.09
N ALA B 74 1.84 -8.03 19.42
CA ALA B 74 3.25 -7.98 19.77
C ALA B 74 3.82 -9.34 20.19
N HIS B 75 3.62 -10.35 19.35
CA HIS B 75 4.14 -11.67 19.66
C HIS B 75 5.65 -11.54 19.79
N PRO B 76 6.19 -11.97 20.93
CA PRO B 76 7.64 -11.89 21.19
C PRO B 76 8.52 -12.46 20.09
N GLU B 77 8.08 -13.54 19.45
CA GLU B 77 8.88 -14.12 18.38
C GLU B 77 8.85 -13.31 17.08
N VAL B 78 7.77 -12.57 16.86
CA VAL B 78 7.66 -11.75 15.66
C VAL B 78 8.56 -10.53 15.86
N ILE B 79 8.44 -9.91 17.02
CA ILE B 79 9.22 -8.73 17.38
C ILE B 79 10.74 -9.01 17.31
N GLU B 80 11.14 -10.19 17.78
CA GLU B 80 12.54 -10.55 17.74
C GLU B 80 12.99 -10.63 16.28
N ALA B 81 12.22 -11.35 15.47
CA ALA B 81 12.59 -11.46 14.06
C ALA B 81 12.73 -10.06 13.45
N LEU B 82 11.79 -9.19 13.76
CA LEU B 82 11.82 -7.82 13.23
C LEU B 82 13.07 -7.05 13.67
N LYS B 83 13.44 -7.18 14.94
CA LYS B 83 14.63 -6.50 15.45
C LYS B 83 15.84 -7.00 14.69
N VAL B 84 15.99 -8.31 14.59
CA VAL B 84 17.11 -8.89 13.87
C VAL B 84 17.12 -8.36 12.43
N ALA B 85 15.95 -8.35 11.80
CA ALA B 85 15.83 -7.91 10.42
C ALA B 85 16.14 -6.44 10.12
N MET B 86 15.66 -5.53 10.97
CA MET B 86 15.90 -4.12 10.69
C MET B 86 17.36 -3.69 10.79
N GLU B 87 18.18 -4.46 11.48
CA GLU B 87 19.59 -4.11 11.58
C GLU B 87 20.21 -4.15 10.18
N LYS B 88 19.58 -4.87 9.27
CA LYS B 88 20.10 -5.01 7.91
C LYS B 88 19.45 -4.02 6.95
N GLY B 89 18.56 -3.20 7.48
CA GLY B 89 17.87 -2.23 6.65
C GLY B 89 16.45 -2.74 6.46
N THR B 90 15.48 -1.82 6.51
CA THR B 90 14.07 -2.18 6.36
C THR B 90 13.57 -2.27 4.92
N SER B 91 14.23 -1.58 3.99
CA SER B 91 13.80 -1.59 2.60
C SER B 91 15.02 -1.54 1.67
N PHE B 92 15.06 -2.44 0.70
CA PHE B 92 16.18 -2.50 -0.24
C PHE B 92 15.90 -1.87 -1.60
N GLY B 93 14.75 -2.20 -2.19
CA GLY B 93 14.43 -1.67 -3.51
C GLY B 93 15.07 -2.54 -4.55
N ALA B 94 15.34 -3.79 -4.15
CA ALA B 94 15.95 -4.79 -5.01
C ALA B 94 15.59 -6.15 -4.42
N PRO B 95 15.70 -7.22 -5.22
CA PRO B 95 15.38 -8.56 -4.74
C PRO B 95 16.14 -8.94 -3.48
N CYS B 96 15.48 -9.70 -2.61
CA CYS B 96 16.12 -10.19 -1.40
C CYS B 96 15.65 -11.64 -1.24
N ALA B 97 16.44 -12.44 -0.53
CA ALA B 97 16.11 -13.85 -0.34
C ALA B 97 14.79 -14.08 0.38
N LEU B 98 14.46 -13.22 1.34
CA LEU B 98 13.22 -13.37 2.09
C LEU B 98 11.96 -13.36 1.21
N GLU B 99 12.04 -12.65 0.09
CA GLU B 99 10.90 -12.59 -0.82
C GLU B 99 10.67 -13.99 -1.39
N ASN B 100 11.75 -14.68 -1.76
CA ASN B 100 11.65 -16.03 -2.29
C ASN B 100 11.05 -16.93 -1.21
N VAL B 101 11.46 -16.71 0.02
CA VAL B 101 10.99 -17.52 1.14
C VAL B 101 9.49 -17.37 1.39
N LEU B 102 9.02 -16.13 1.51
CA LEU B 102 7.60 -15.92 1.75
C LEU B 102 6.79 -16.40 0.55
N ALA B 103 7.29 -16.13 -0.66
CA ALA B 103 6.59 -16.54 -1.86
C ALA B 103 6.39 -18.05 -1.84
N GLU B 104 7.46 -18.79 -1.58
CA GLU B 104 7.37 -20.25 -1.50
C GLU B 104 6.35 -20.70 -0.45
N MET B 105 6.35 -20.03 0.71
CA MET B 105 5.43 -20.40 1.78
C MET B 105 3.98 -20.12 1.40
N VAL B 106 3.76 -19.01 0.72
CA VAL B 106 2.42 -18.64 0.29
C VAL B 106 1.97 -19.60 -0.82
N ASN B 107 2.89 -19.94 -1.70
CA ASN B 107 2.60 -20.87 -2.79
C ASN B 107 2.26 -22.24 -2.20
N ASP B 108 3.03 -22.67 -1.21
CA ASP B 108 2.77 -23.96 -0.57
C ASP B 108 1.48 -23.92 0.24
N ALA B 109 1.19 -22.76 0.81
CA ALA B 109 0.01 -22.60 1.65
C ALA B 109 -1.34 -22.47 0.92
N VAL B 110 -1.38 -21.68 -0.15
CA VAL B 110 -2.64 -21.46 -0.86
C VAL B 110 -2.78 -22.30 -2.14
N PRO B 111 -3.73 -23.25 -2.14
CA PRO B 111 -3.99 -24.14 -3.28
C PRO B 111 -3.93 -23.50 -4.67
N SER B 112 -4.68 -22.43 -4.86
CA SER B 112 -4.73 -21.74 -6.15
C SER B 112 -3.49 -20.97 -6.58
N ILE B 113 -2.63 -20.62 -5.64
CA ILE B 113 -1.44 -19.84 -5.98
C ILE B 113 -0.21 -20.65 -6.37
N GLU B 114 0.26 -20.45 -7.60
CA GLU B 114 1.44 -21.14 -8.10
C GLU B 114 2.55 -20.12 -8.33
N MET B 115 2.16 -18.85 -8.35
CA MET B 115 3.06 -17.73 -8.55
C MET B 115 2.42 -16.57 -7.79
N VAL B 116 3.22 -15.81 -7.04
CA VAL B 116 2.67 -14.70 -6.25
C VAL B 116 3.43 -13.40 -6.46
N ARG B 117 2.73 -12.29 -6.20
CA ARG B 117 3.32 -10.97 -6.31
C ARG B 117 2.91 -10.24 -5.03
N PHE B 118 3.90 -9.76 -4.30
CA PHE B 118 3.65 -9.05 -3.06
C PHE B 118 3.37 -7.58 -3.32
N VAL B 119 2.49 -7.03 -2.49
CA VAL B 119 2.12 -5.62 -2.53
C VAL B 119 2.09 -5.12 -1.09
N ASN B 120 1.62 -3.92 -0.86
CA ASN B 120 1.65 -3.38 0.51
C ASN B 120 0.32 -3.31 1.24
N SER B 121 -0.74 -3.85 0.64
CA SER B 121 -2.06 -3.82 1.27
C SER B 121 -3.05 -4.67 0.49
N GLY B 122 -4.18 -4.98 1.10
CA GLY B 122 -5.19 -5.77 0.42
C GLY B 122 -5.81 -4.99 -0.72
N THR B 123 -5.87 -3.67 -0.55
CA THR B 123 -6.43 -2.81 -1.58
C THR B 123 -5.57 -2.86 -2.84
N GLU B 124 -4.25 -2.82 -2.68
CA GLU B 124 -3.35 -2.89 -3.84
C GLU B 124 -3.54 -4.24 -4.50
N ALA B 125 -3.67 -5.29 -3.68
CA ALA B 125 -3.84 -6.63 -4.22
C ALA B 125 -5.10 -6.69 -5.08
N CYS B 126 -6.20 -6.17 -4.54
CA CYS B 126 -7.46 -6.17 -5.28
C CYS B 126 -7.41 -5.34 -6.55
N MET B 127 -6.84 -4.13 -6.48
CA MET B 127 -6.72 -3.27 -7.66
C MET B 127 -6.09 -4.11 -8.75
N ALA B 128 -4.95 -4.69 -8.41
CA ALA B 128 -4.17 -5.50 -9.33
C ALA B 128 -4.89 -6.74 -9.81
N VAL B 129 -5.60 -7.42 -8.91
CA VAL B 129 -6.29 -8.63 -9.31
C VAL B 129 -7.46 -8.37 -10.24
N LEU B 130 -8.13 -7.23 -10.07
CA LEU B 130 -9.25 -6.92 -10.95
C LEU B 130 -8.71 -6.63 -12.35
N ARG B 131 -7.63 -5.86 -12.41
CA ARG B 131 -7.02 -5.51 -13.68
C ARG B 131 -6.41 -6.73 -14.37
N ILE B 132 -5.91 -7.67 -13.59
CA ILE B 132 -5.32 -8.87 -14.18
C ILE B 132 -6.45 -9.74 -14.75
N MET B 133 -7.55 -9.83 -14.01
CA MET B 133 -8.69 -10.61 -14.47
C MET B 133 -9.05 -10.14 -15.87
N ARG B 134 -9.25 -8.83 -15.98
CA ARG B 134 -9.62 -8.22 -17.24
C ARG B 134 -8.56 -8.33 -18.33
N ALA B 135 -7.29 -8.29 -17.94
CA ALA B 135 -6.23 -8.38 -18.94
C ALA B 135 -6.11 -9.79 -19.47
N TYR B 136 -6.32 -10.78 -18.61
CA TYR B 136 -6.20 -12.17 -19.01
C TYR B 136 -7.36 -12.65 -19.88
N THR B 137 -8.53 -12.09 -19.65
CA THR B 137 -9.73 -12.47 -20.40
C THR B 137 -10.08 -11.52 -21.54
N GLY B 138 -9.56 -10.31 -21.48
CA GLY B 138 -9.85 -9.33 -22.50
C GLY B 138 -11.25 -8.75 -22.34
N ARG B 139 -11.88 -9.04 -21.19
CA ARG B 139 -13.23 -8.55 -20.92
C ARG B 139 -13.20 -7.48 -19.84
N ASP B 140 -14.21 -6.61 -19.85
CA ASP B 140 -14.29 -5.50 -18.90
C ASP B 140 -15.18 -5.73 -17.68
N LYS B 141 -16.21 -6.55 -17.82
CA LYS B 141 -17.13 -6.80 -16.73
C LYS B 141 -16.60 -7.75 -15.67
N ILE B 142 -16.90 -7.43 -14.42
CA ILE B 142 -16.50 -8.23 -13.28
C ILE B 142 -17.71 -8.31 -12.38
N ILE B 143 -17.97 -9.47 -11.81
CA ILE B 143 -19.11 -9.65 -10.93
C ILE B 143 -18.67 -9.68 -9.48
N LYS B 144 -19.33 -8.89 -8.64
CA LYS B 144 -19.03 -8.84 -7.22
C LYS B 144 -20.34 -9.02 -6.46
N PHE B 145 -20.25 -9.11 -5.14
CA PHE B 145 -21.45 -9.27 -4.33
C PHE B 145 -21.64 -8.14 -3.34
N GLU B 146 -22.90 -7.74 -3.15
CA GLU B 146 -23.24 -6.68 -2.23
C GLU B 146 -22.86 -7.12 -0.82
N GLY B 147 -22.04 -6.33 -0.15
CA GLY B 147 -21.62 -6.70 1.20
C GLY B 147 -20.18 -7.13 1.22
N CYS B 148 -19.62 -7.39 0.04
CA CYS B 148 -18.23 -7.79 -0.06
C CYS B 148 -17.41 -6.52 -0.27
N TYR B 149 -16.22 -6.50 0.34
CA TYR B 149 -15.31 -5.36 0.26
C TYR B 149 -13.97 -5.79 -0.35
N HIS B 150 -13.48 -5.02 -1.31
CA HIS B 150 -12.20 -5.31 -1.97
C HIS B 150 -11.43 -4.02 -2.18
N GLY B 151 -11.30 -3.22 -1.13
CA GLY B 151 -10.61 -1.96 -1.25
C GLY B 151 -11.61 -1.02 -1.87
N HIS B 152 -11.17 -0.02 -2.64
CA HIS B 152 -12.12 0.89 -3.26
C HIS B 152 -11.51 1.62 -4.46
N ASN B 182 -19.06 -1.43 -15.41
CA ASN B 182 -18.18 -2.60 -15.59
C ASN B 182 -18.14 -3.47 -14.36
N THR B 183 -18.90 -3.09 -13.34
CA THR B 183 -18.97 -3.86 -12.12
C THR B 183 -20.41 -4.26 -11.91
N LEU B 184 -20.71 -5.54 -12.11
CA LEU B 184 -22.06 -6.06 -11.93
C LEU B 184 -22.17 -6.64 -10.53
N THR B 185 -23.19 -6.24 -9.79
CA THR B 185 -23.38 -6.72 -8.43
C THR B 185 -24.43 -7.82 -8.40
N THR B 186 -24.53 -8.47 -7.25
CA THR B 186 -25.49 -9.55 -7.07
C THR B 186 -25.54 -9.98 -5.62
N PRO B 187 -26.71 -10.42 -5.15
CA PRO B 187 -26.85 -10.85 -3.76
C PRO B 187 -25.92 -12.01 -3.45
N TYR B 188 -25.27 -11.96 -2.30
CA TYR B 188 -24.37 -13.02 -1.87
C TYR B 188 -25.23 -14.27 -1.71
N ASN B 189 -24.63 -15.44 -1.90
CA ASN B 189 -25.37 -16.70 -1.74
C ASN B 189 -26.52 -16.86 -2.73
N ASP B 190 -26.47 -16.10 -3.83
CA ASP B 190 -27.52 -16.14 -4.85
C ASP B 190 -26.92 -16.56 -6.19
N LEU B 191 -26.96 -17.86 -6.48
CA LEU B 191 -26.41 -18.37 -7.73
C LEU B 191 -27.22 -17.97 -8.96
N GLU B 192 -28.54 -17.96 -8.84
CA GLU B 192 -29.38 -17.61 -9.97
C GLU B 192 -29.12 -16.18 -10.45
N ALA B 193 -28.95 -15.26 -9.49
CA ALA B 193 -28.68 -13.87 -9.82
C ALA B 193 -27.37 -13.78 -10.60
N VAL B 194 -26.42 -14.64 -10.23
CA VAL B 194 -25.13 -14.69 -10.91
C VAL B 194 -25.38 -15.22 -12.32
N LYS B 195 -26.12 -16.32 -12.40
CA LYS B 195 -26.48 -16.94 -13.67
C LYS B 195 -27.01 -15.88 -14.64
N ALA B 196 -27.94 -15.07 -14.14
CA ALA B 196 -28.56 -14.03 -14.96
C ALA B 196 -27.54 -13.02 -15.47
N LEU B 197 -26.61 -12.63 -14.60
CA LEU B 197 -25.60 -11.65 -14.96
C LEU B 197 -24.73 -12.10 -16.14
N PHE B 198 -24.39 -13.37 -16.18
CA PHE B 198 -23.58 -13.88 -17.30
C PHE B 198 -24.41 -13.86 -18.58
N ALA B 199 -25.67 -14.25 -18.47
CA ALA B 199 -26.59 -14.29 -19.60
C ALA B 199 -26.88 -12.91 -20.18
N GLU B 200 -27.17 -11.95 -19.31
CA GLU B 200 -27.47 -10.58 -19.73
C GLU B 200 -26.25 -9.87 -20.29
N ASN B 201 -25.07 -10.45 -20.08
CA ASN B 201 -23.83 -9.86 -20.56
C ASN B 201 -22.97 -10.93 -21.21
N PRO B 202 -23.48 -11.53 -22.31
CA PRO B 202 -22.75 -12.58 -23.02
C PRO B 202 -21.36 -12.21 -23.50
N GLY B 203 -20.36 -12.98 -23.06
CA GLY B 203 -18.98 -12.77 -23.46
C GLY B 203 -18.34 -11.49 -22.95
N GLU B 204 -18.91 -10.88 -21.92
CA GLU B 204 -18.38 -9.63 -21.38
C GLU B 204 -17.85 -9.76 -19.95
N ILE B 205 -18.14 -10.88 -19.30
CA ILE B 205 -17.73 -11.11 -17.91
C ILE B 205 -16.32 -11.68 -17.72
N ALA B 206 -15.41 -10.86 -17.23
CA ALA B 206 -14.04 -11.31 -16.99
C ALA B 206 -14.05 -12.39 -15.90
N GLY B 207 -14.87 -12.18 -14.87
CA GLY B 207 -14.94 -13.16 -13.81
C GLY B 207 -15.70 -12.69 -12.59
N VAL B 208 -15.76 -13.57 -11.59
CA VAL B 208 -16.46 -13.28 -10.34
C VAL B 208 -15.48 -13.23 -9.18
N ILE B 209 -15.58 -12.16 -8.39
CA ILE B 209 -14.72 -12.01 -7.23
C ILE B 209 -15.60 -11.89 -6.00
N LEU B 210 -15.15 -12.49 -4.90
CA LEU B 210 -15.91 -12.45 -3.65
C LEU B 210 -15.08 -12.88 -2.45
N GLU B 211 -15.60 -12.57 -1.26
CA GLU B 211 -14.98 -13.00 -0.02
C GLU B 211 -15.56 -14.40 0.13
N PRO B 212 -14.71 -15.45 0.08
CA PRO B 212 -15.16 -16.84 0.21
C PRO B 212 -15.98 -17.04 1.48
N ILE B 213 -15.73 -16.19 2.46
CA ILE B 213 -16.47 -16.15 3.72
C ILE B 213 -16.48 -14.65 4.00
N VAL B 214 -17.66 -14.10 4.24
CA VAL B 214 -17.79 -12.68 4.48
C VAL B 214 -17.42 -12.20 5.88
N GLY B 215 -16.79 -11.03 5.94
CA GLY B 215 -16.41 -10.46 7.21
C GLY B 215 -16.61 -8.95 7.19
N ASN B 216 -16.83 -8.40 6.00
CA ASN B 216 -17.01 -6.97 5.83
C ASN B 216 -18.43 -6.43 5.82
N SER B 217 -19.39 -7.27 6.16
CA SER B 217 -20.79 -6.85 6.26
C SER B 217 -21.31 -7.77 7.35
N GLY B 218 -20.41 -8.06 8.28
CA GLY B 218 -20.72 -8.97 9.37
C GLY B 218 -20.19 -10.32 8.92
N PHE B 219 -20.29 -11.33 9.78
CA PHE B 219 -19.81 -12.67 9.45
C PHE B 219 -20.90 -13.43 8.69
N ILE B 220 -20.66 -13.70 7.41
CA ILE B 220 -21.63 -14.42 6.60
C ILE B 220 -20.91 -15.57 5.87
N VAL B 221 -21.32 -16.80 6.16
CA VAL B 221 -20.69 -17.95 5.52
C VAL B 221 -21.46 -18.29 4.23
N PRO B 222 -20.78 -18.91 3.25
CA PRO B 222 -21.51 -19.25 2.04
C PRO B 222 -22.44 -20.43 2.28
N ASP B 223 -23.64 -20.38 1.69
CA ASP B 223 -24.58 -21.48 1.85
C ASP B 223 -24.00 -22.69 1.14
N ALA B 224 -24.40 -23.88 1.56
CA ALA B 224 -23.88 -25.10 0.96
C ALA B 224 -24.02 -25.05 -0.56
N GLY B 225 -22.94 -25.36 -1.26
CA GLY B 225 -22.98 -25.35 -2.72
C GLY B 225 -22.74 -24.03 -3.42
N PHE B 226 -22.77 -22.93 -2.66
CA PHE B 226 -22.57 -21.61 -3.25
C PHE B 226 -21.23 -21.44 -3.95
N LEU B 227 -20.14 -21.75 -3.24
CA LEU B 227 -18.80 -21.62 -3.81
C LEU B 227 -18.63 -22.63 -4.93
N GLU B 228 -19.11 -23.85 -4.70
CA GLU B 228 -19.03 -24.90 -5.71
C GLU B 228 -19.78 -24.38 -6.93
N GLY B 229 -20.96 -23.82 -6.69
CA GLY B 229 -21.76 -23.27 -7.77
C GLY B 229 -20.98 -22.23 -8.55
N LEU B 230 -20.41 -21.25 -7.85
CA LEU B 230 -19.65 -20.19 -8.50
C LEU B 230 -18.49 -20.74 -9.33
N ARG B 231 -17.84 -21.78 -8.83
CA ARG B 231 -16.73 -22.36 -9.56
C ARG B 231 -17.26 -23.01 -10.85
N GLU B 232 -18.39 -23.70 -10.74
CA GLU B 232 -19.00 -24.36 -11.88
C GLU B 232 -19.46 -23.36 -12.93
N ILE B 233 -20.15 -22.30 -12.52
CA ILE B 233 -20.62 -21.30 -13.46
C ILE B 233 -19.50 -20.53 -14.12
N THR B 234 -18.44 -20.23 -13.37
CA THR B 234 -17.31 -19.49 -13.94
C THR B 234 -16.58 -20.32 -14.99
N LEU B 235 -16.33 -21.59 -14.72
CA LEU B 235 -15.67 -22.46 -15.68
C LEU B 235 -16.61 -22.61 -16.87
N GLU B 236 -17.90 -22.67 -16.56
CA GLU B 236 -18.95 -22.81 -17.56
C GLU B 236 -18.86 -21.73 -18.63
N HIS B 237 -18.56 -20.50 -18.20
CA HIS B 237 -18.48 -19.38 -19.14
C HIS B 237 -17.07 -18.87 -19.38
N ASP B 238 -16.08 -19.75 -19.30
CA ASP B 238 -14.68 -19.35 -19.53
C ASP B 238 -14.34 -18.08 -18.76
N ALA B 239 -14.87 -17.95 -17.55
CA ALA B 239 -14.61 -16.79 -16.72
C ALA B 239 -13.78 -17.17 -15.49
N LEU B 240 -13.16 -16.17 -14.87
CA LEU B 240 -12.32 -16.41 -13.72
C LEU B 240 -13.05 -16.31 -12.40
N LEU B 241 -12.57 -17.06 -11.42
CA LEU B 241 -13.14 -17.05 -10.09
C LEU B 241 -12.04 -16.52 -9.17
N VAL B 242 -12.33 -15.41 -8.51
CA VAL B 242 -11.34 -14.79 -7.63
C VAL B 242 -11.82 -14.70 -6.20
N PHE B 243 -11.03 -15.26 -5.29
CA PHE B 243 -11.36 -15.23 -3.88
C PHE B 243 -10.56 -14.13 -3.20
N ASP B 244 -11.26 -13.20 -2.57
CA ASP B 244 -10.58 -12.14 -1.86
C ASP B 244 -10.41 -12.72 -0.45
N GLU B 245 -9.24 -13.30 -0.20
CA GLU B 245 -8.95 -13.90 1.10
C GLU B 245 -8.03 -13.03 1.95
N VAL B 246 -8.16 -11.72 1.80
CA VAL B 246 -7.35 -10.79 2.56
C VAL B 246 -7.63 -10.97 4.04
N MET B 247 -8.90 -11.23 4.36
CA MET B 247 -9.30 -11.42 5.75
C MET B 247 -9.37 -12.88 6.15
N THR B 248 -9.79 -13.73 5.21
CA THR B 248 -9.92 -15.16 5.50
C THR B 248 -8.61 -15.91 5.42
N GLY B 249 -7.72 -15.45 4.55
CA GLY B 249 -6.43 -16.09 4.40
C GLY B 249 -5.70 -16.27 5.72
N PHE B 250 -5.18 -17.48 5.93
CA PHE B 250 -4.43 -17.83 7.13
C PHE B 250 -5.21 -17.76 8.44
N ARG B 251 -6.49 -17.42 8.37
CA ARG B 251 -7.31 -17.35 9.58
C ARG B 251 -8.32 -18.50 9.62
N ILE B 252 -9.10 -18.63 8.56
CA ILE B 252 -10.08 -19.70 8.46
C ILE B 252 -9.32 -21.01 8.47
N ALA B 253 -8.17 -21.00 7.82
CA ALA B 253 -7.30 -22.17 7.74
C ALA B 253 -5.98 -21.65 7.18
N TYR B 254 -4.93 -22.46 7.27
CA TYR B 254 -3.62 -22.05 6.76
C TYR B 254 -3.79 -21.70 5.29
N GLY B 255 -4.58 -22.51 4.58
CA GLY B 255 -4.81 -22.29 3.17
C GLY B 255 -6.09 -21.53 2.85
N GLY B 256 -6.61 -20.82 3.85
CA GLY B 256 -7.81 -20.04 3.66
C GLY B 256 -9.07 -20.87 3.38
N VAL B 257 -10.12 -20.19 2.96
CA VAL B 257 -11.39 -20.84 2.67
C VAL B 257 -11.28 -21.87 1.54
N GLN B 258 -10.56 -21.52 0.48
CA GLN B 258 -10.41 -22.44 -0.65
C GLN B 258 -9.92 -23.81 -0.22
N GLU B 259 -9.02 -23.84 0.75
CA GLU B 259 -8.51 -25.09 1.24
C GLU B 259 -9.53 -25.78 2.13
N LYS B 260 -10.01 -25.06 3.14
CA LYS B 260 -10.96 -25.63 4.08
C LYS B 260 -12.24 -26.16 3.42
N PHE B 261 -12.81 -25.38 2.52
CA PHE B 261 -14.03 -25.79 1.84
C PHE B 261 -13.76 -26.52 0.54
N GLY B 262 -12.50 -26.67 0.20
CA GLY B 262 -12.12 -27.40 -1.00
C GLY B 262 -12.54 -26.90 -2.37
N VAL B 263 -12.63 -25.59 -2.54
CA VAL B 263 -12.99 -25.01 -3.84
C VAL B 263 -11.80 -24.15 -4.24
N THR B 264 -11.26 -24.39 -5.42
CA THR B 264 -10.09 -23.66 -5.89
C THR B 264 -10.35 -22.59 -6.94
N PRO B 265 -10.11 -21.32 -6.59
CA PRO B 265 -10.32 -20.21 -7.52
C PRO B 265 -9.13 -20.15 -8.47
N ASP B 266 -9.14 -19.18 -9.38
CA ASP B 266 -8.06 -19.04 -10.35
C ASP B 266 -7.06 -18.01 -9.83
N LEU B 267 -7.55 -17.06 -9.05
CA LEU B 267 -6.74 -16.00 -8.48
C LEU B 267 -7.22 -15.74 -7.06
N THR B 268 -6.32 -15.32 -6.19
CA THR B 268 -6.68 -15.00 -4.81
C THR B 268 -5.84 -13.84 -4.31
N THR B 269 -6.44 -12.97 -3.52
CA THR B 269 -5.72 -11.84 -2.94
C THR B 269 -5.52 -12.15 -1.48
N LEU B 270 -4.40 -11.70 -0.92
CA LEU B 270 -4.10 -11.91 0.49
C LEU B 270 -3.72 -10.59 1.12
N GLY B 271 -3.82 -10.52 2.44
CA GLY B 271 -3.47 -9.30 3.12
C GLY B 271 -3.48 -9.57 4.61
N LYS B 272 -3.63 -8.51 5.38
CA LYS B 272 -3.68 -8.60 6.82
C LYS B 272 -2.67 -9.58 7.44
N ILE B 273 -3.08 -10.81 7.75
CA ILE B 273 -2.16 -11.77 8.35
C ILE B 273 -0.81 -12.01 7.65
N ILE B 274 -0.75 -11.92 6.32
CA ILE B 274 0.54 -12.15 5.68
C ILE B 274 1.53 -11.04 6.02
N GLY B 275 1.03 -9.96 6.62
CA GLY B 275 1.91 -8.87 6.99
C GLY B 275 2.39 -8.99 8.43
N GLY B 276 1.75 -9.87 9.19
CA GLY B 276 2.09 -10.11 10.58
C GLY B 276 2.09 -8.87 11.44
N GLY B 277 1.35 -7.84 11.02
CA GLY B 277 1.30 -6.61 11.76
C GLY B 277 1.91 -5.45 11.00
N LEU B 278 2.44 -5.73 9.81
CA LEU B 278 3.04 -4.71 8.97
C LEU B 278 2.25 -4.60 7.67
N PRO B 279 2.43 -3.52 6.92
CA PRO B 279 1.70 -3.37 5.67
C PRO B 279 2.15 -4.35 4.59
N VAL B 280 1.34 -5.37 4.36
CA VAL B 280 1.66 -6.37 3.34
C VAL B 280 0.39 -6.94 2.74
N GLY B 281 0.44 -7.14 1.44
CA GLY B 281 -0.67 -7.73 0.72
C GLY B 281 -0.04 -8.58 -0.38
N ALA B 282 -0.86 -9.31 -1.12
CA ALA B 282 -0.36 -10.15 -2.20
C ALA B 282 -1.49 -10.68 -3.05
N TYR B 283 -1.17 -10.98 -4.30
CA TYR B 283 -2.18 -11.55 -5.19
C TYR B 283 -1.48 -12.60 -6.01
N GLY B 284 -2.15 -13.72 -6.22
CA GLY B 284 -1.55 -14.80 -6.99
C GLY B 284 -2.58 -15.77 -7.53
N GLY B 285 -2.08 -16.78 -8.22
CA GLY B 285 -2.95 -17.78 -8.79
C GLY B 285 -2.21 -18.60 -9.83
N LYS B 286 -2.96 -19.15 -10.79
CA LYS B 286 -2.36 -19.97 -11.83
C LYS B 286 -1.24 -19.20 -12.51
N ARG B 287 -0.13 -19.91 -12.68
CA ARG B 287 1.08 -19.38 -13.30
C ARG B 287 0.86 -18.67 -14.63
N GLU B 288 0.20 -19.35 -15.56
CA GLU B 288 -0.05 -18.76 -16.87
C GLU B 288 -0.79 -17.43 -16.79
N ILE B 289 -1.54 -17.21 -15.72
CA ILE B 289 -2.28 -15.96 -15.54
C ILE B 289 -1.37 -14.88 -14.98
N MET B 290 -0.61 -15.24 -13.94
CA MET B 290 0.31 -14.31 -13.30
C MET B 290 1.45 -13.84 -14.22
N GLN B 291 1.72 -14.59 -15.28
CA GLN B 291 2.79 -14.23 -16.22
C GLN B 291 2.53 -12.90 -16.92
N LEU B 292 1.27 -12.50 -16.99
CA LEU B 292 0.91 -11.25 -17.64
C LEU B 292 1.36 -10.05 -16.80
N VAL B 293 1.75 -10.30 -15.55
CA VAL B 293 2.17 -9.23 -14.65
C VAL B 293 3.60 -8.76 -14.94
N ALA B 294 3.76 -7.45 -15.10
CA ALA B 294 5.08 -6.89 -15.36
C ALA B 294 6.00 -7.24 -14.20
N PRO B 295 7.30 -7.39 -14.46
CA PRO B 295 7.94 -7.25 -15.77
C PRO B 295 7.85 -8.51 -16.63
N ALA B 296 7.09 -9.49 -16.18
CA ALA B 296 6.91 -10.74 -16.92
C ALA B 296 5.93 -10.53 -18.06
N GLY B 297 4.96 -9.65 -17.84
CA GLY B 297 3.97 -9.37 -18.87
C GLY B 297 3.66 -7.89 -19.02
N PRO B 298 2.69 -7.53 -19.89
CA PRO B 298 2.30 -6.14 -20.15
C PRO B 298 1.44 -5.45 -19.10
N MET B 299 0.74 -6.20 -18.26
CA MET B 299 -0.08 -5.54 -17.25
C MET B 299 0.80 -4.91 -16.20
N TYR B 300 0.65 -3.60 -15.99
CA TYR B 300 1.49 -2.92 -15.03
C TYR B 300 0.93 -2.82 -13.64
N GLN B 301 1.83 -3.00 -12.68
CA GLN B 301 1.53 -2.93 -11.25
C GLN B 301 2.92 -2.92 -10.62
N ALA B 302 3.16 -1.95 -9.76
CA ALA B 302 4.46 -1.83 -9.11
C ALA B 302 4.27 -1.38 -7.66
N GLY B 303 5.38 -1.23 -6.95
CA GLY B 303 5.31 -0.82 -5.57
C GLY B 303 6.69 -0.67 -4.96
N THR B 304 7.00 0.55 -4.54
CA THR B 304 8.28 0.87 -3.93
C THR B 304 8.61 0.00 -2.72
N LEU B 305 7.68 -0.10 -1.78
CA LEU B 305 7.93 -0.90 -0.58
C LEU B 305 7.59 -2.37 -0.71
N SER B 306 7.10 -2.76 -1.88
CA SER B 306 6.72 -4.15 -2.09
C SER B 306 7.89 -5.11 -1.89
N GLY B 307 7.63 -6.17 -1.12
CA GLY B 307 8.64 -7.17 -0.84
C GLY B 307 9.78 -6.75 0.05
N ASN B 308 9.63 -5.65 0.79
CA ASN B 308 10.72 -5.23 1.65
C ASN B 308 10.99 -6.32 2.69
N PRO B 309 12.27 -6.50 3.05
CA PRO B 309 12.70 -7.51 4.03
C PRO B 309 12.02 -7.48 5.39
N LEU B 310 11.67 -6.30 5.86
CA LEU B 310 11.01 -6.17 7.16
C LEU B 310 9.65 -6.84 7.10
N ALA B 311 8.86 -6.43 6.11
CA ALA B 311 7.53 -6.97 5.91
C ALA B 311 7.57 -8.46 5.59
N MET B 312 8.60 -8.91 4.87
CA MET B 312 8.70 -10.32 4.53
C MET B 312 9.01 -11.11 5.80
N THR B 313 9.83 -10.52 6.66
CA THR B 313 10.20 -11.15 7.92
C THR B 313 8.98 -11.35 8.81
N ALA B 314 8.17 -10.31 8.91
CA ALA B 314 6.96 -10.36 9.73
C ALA B 314 6.02 -11.46 9.25
N GLY B 315 5.86 -11.54 7.94
CA GLY B 315 4.99 -12.54 7.36
C GLY B 315 5.53 -13.95 7.54
N ILE B 316 6.83 -14.12 7.31
CA ILE B 316 7.45 -15.42 7.45
C ILE B 316 7.30 -15.95 8.87
N LYS B 317 7.62 -15.11 9.86
CA LYS B 317 7.52 -15.50 11.26
C LYS B 317 6.08 -15.87 11.62
N THR B 318 5.15 -15.03 11.19
CA THR B 318 3.73 -15.25 11.46
C THR B 318 3.23 -16.59 10.94
N LEU B 319 3.61 -16.95 9.71
CA LEU B 319 3.19 -18.23 9.14
C LEU B 319 3.88 -19.41 9.84
N GLU B 320 5.16 -19.25 10.19
CA GLU B 320 5.88 -20.32 10.88
C GLU B 320 5.18 -20.62 12.19
N LEU B 321 4.70 -19.58 12.86
CA LEU B 321 4.02 -19.75 14.13
C LEU B 321 2.68 -20.44 13.93
N LEU B 322 2.02 -20.13 12.83
CA LEU B 322 0.72 -20.74 12.51
C LEU B 322 0.91 -22.20 12.10
N ARG B 323 2.14 -22.57 11.75
CA ARG B 323 2.43 -23.95 11.36
C ARG B 323 2.68 -24.85 12.56
N GLN B 324 2.73 -24.26 13.75
CA GLN B 324 2.95 -25.03 14.96
C GLN B 324 1.69 -25.84 15.30
N PRO B 325 1.85 -26.88 16.12
CA PRO B 325 0.73 -27.74 16.53
C PRO B 325 -0.46 -27.09 17.25
N GLY B 326 -1.66 -27.55 16.92
CA GLY B 326 -2.88 -27.07 17.55
C GLY B 326 -3.35 -25.66 17.28
N THR B 327 -2.68 -24.97 16.37
CA THR B 327 -3.03 -23.59 16.04
C THR B 327 -4.50 -23.38 15.70
N TYR B 328 -4.93 -23.89 14.56
CA TYR B 328 -6.31 -23.72 14.15
C TYR B 328 -7.30 -24.48 15.01
N GLU B 329 -6.87 -25.57 15.63
CA GLU B 329 -7.75 -26.34 16.50
C GLU B 329 -8.11 -25.43 17.67
N TYR B 330 -7.09 -24.79 18.22
CA TYR B 330 -7.31 -23.91 19.37
C TYR B 330 -8.24 -22.75 19.02
N LEU B 331 -7.98 -22.08 17.90
CA LEU B 331 -8.82 -20.97 17.49
C LEU B 331 -10.26 -21.43 17.37
N ASP B 332 -10.47 -22.54 16.70
CA ASP B 332 -11.81 -23.08 16.51
C ASP B 332 -12.48 -23.40 17.84
N GLN B 333 -11.68 -23.84 18.80
CA GLN B 333 -12.19 -24.21 20.12
C GLN B 333 -12.69 -23.02 20.93
N ILE B 334 -11.81 -22.07 21.22
CA ILE B 334 -12.20 -20.91 22.02
C ILE B 334 -13.23 -20.06 21.31
N THR B 335 -13.17 -20.04 19.99
CA THR B 335 -14.11 -19.23 19.23
C THR B 335 -15.49 -19.86 19.18
N LYS B 336 -15.54 -21.19 19.14
CA LYS B 336 -16.83 -21.88 19.12
C LYS B 336 -17.50 -21.62 20.47
N ARG B 337 -16.71 -21.70 21.54
CA ARG B 337 -17.23 -21.45 22.87
C ARG B 337 -17.76 -20.03 22.93
N LEU B 338 -16.94 -19.07 22.51
CA LEU B 338 -17.32 -17.67 22.52
C LEU B 338 -18.62 -17.46 21.76
N SER B 339 -18.63 -17.86 20.49
CA SER B 339 -19.80 -17.70 19.65
C SER B 339 -21.05 -18.34 20.25
N ASP B 340 -20.97 -19.64 20.55
CA ASP B 340 -22.09 -20.33 21.16
C ASP B 340 -22.54 -19.59 22.41
N GLY B 341 -21.55 -19.19 23.23
CA GLY B 341 -21.84 -18.46 24.46
C GLY B 341 -22.67 -17.22 24.25
N LEU B 342 -22.17 -16.32 23.40
CA LEU B 342 -22.87 -15.08 23.09
C LEU B 342 -24.30 -15.37 22.68
N LEU B 343 -24.46 -16.29 21.73
CA LEU B 343 -25.80 -16.64 21.24
C LEU B 343 -26.68 -17.18 22.37
N ALA B 344 -26.11 -18.02 23.23
CA ALA B 344 -26.86 -18.59 24.34
C ALA B 344 -27.29 -17.49 25.30
N ILE B 345 -26.42 -16.50 25.52
CA ILE B 345 -26.70 -15.39 26.41
C ILE B 345 -27.82 -14.53 25.83
N ALA B 346 -27.75 -14.27 24.52
CA ALA B 346 -28.78 -13.48 23.88
C ALA B 346 -30.09 -14.23 24.06
N GLN B 347 -30.02 -15.55 23.92
CA GLN B 347 -31.16 -16.44 24.07
C GLN B 347 -31.77 -16.33 25.47
N GLU B 348 -30.93 -16.51 26.49
CA GLU B 348 -31.38 -16.45 27.87
C GLU B 348 -31.85 -15.06 28.31
N THR B 349 -31.37 -14.01 27.66
CA THR B 349 -31.75 -12.65 28.02
C THR B 349 -32.89 -12.08 27.19
N GLY B 350 -33.42 -12.89 26.28
CA GLY B 350 -34.53 -12.44 25.45
C GLY B 350 -34.17 -11.56 24.26
N HIS B 351 -32.96 -11.70 23.74
CA HIS B 351 -32.55 -10.90 22.60
C HIS B 351 -32.39 -11.74 21.34
N ALA B 352 -33.09 -11.34 20.29
CA ALA B 352 -33.00 -12.06 19.03
C ALA B 352 -31.58 -11.87 18.55
N ALA B 353 -30.88 -12.97 18.27
CA ALA B 353 -29.52 -12.90 17.80
C ALA B 353 -29.16 -14.09 16.93
N CYS B 354 -28.23 -13.88 16.00
CA CYS B 354 -27.79 -14.95 15.11
C CYS B 354 -26.31 -14.78 14.78
N GLY B 355 -25.72 -15.80 14.17
CA GLY B 355 -24.32 -15.73 13.80
C GLY B 355 -23.64 -17.08 13.88
N GLY B 356 -22.35 -17.07 14.21
CA GLY B 356 -21.60 -18.30 14.30
C GLY B 356 -20.14 -18.05 14.04
N GLN B 357 -19.36 -19.12 13.89
CA GLN B 357 -17.94 -18.99 13.62
C GLN B 357 -17.35 -20.15 12.86
N VAL B 358 -16.16 -19.88 12.29
CA VAL B 358 -15.37 -20.84 11.55
C VAL B 358 -13.96 -20.43 11.94
N SER B 359 -13.27 -21.32 12.65
CA SER B 359 -11.92 -21.03 13.11
C SER B 359 -11.98 -19.77 13.99
N GLY B 360 -10.94 -18.95 13.93
CA GLY B 360 -10.89 -17.76 14.76
C GLY B 360 -11.57 -16.54 14.14
N MET B 361 -12.72 -16.78 13.51
CA MET B 361 -13.48 -15.71 12.87
C MET B 361 -14.95 -15.94 13.21
N PHE B 362 -15.63 -14.91 13.67
CA PHE B 362 -17.03 -15.07 14.05
C PHE B 362 -17.85 -13.81 13.86
N GLY B 363 -19.15 -13.94 14.12
CA GLY B 363 -20.07 -12.83 14.00
C GLY B 363 -21.21 -12.98 14.97
N PHE B 364 -21.87 -11.86 15.30
CA PHE B 364 -22.98 -11.84 16.24
C PHE B 364 -23.91 -10.72 15.77
N PHE B 365 -25.10 -11.10 15.29
CA PHE B 365 -26.07 -10.13 14.80
C PHE B 365 -27.25 -9.96 15.74
N PHE B 366 -27.71 -8.71 15.90
CA PHE B 366 -28.86 -8.44 16.74
C PHE B 366 -30.10 -8.47 15.83
N THR B 367 -30.44 -9.68 15.42
CA THR B 367 -31.57 -9.98 14.57
C THR B 367 -31.58 -11.50 14.58
N GLU B 368 -32.74 -12.13 14.45
CA GLU B 368 -32.78 -13.59 14.47
C GLU B 368 -32.36 -14.26 13.18
N GLY B 369 -32.35 -13.50 12.09
CA GLY B 369 -31.96 -14.04 10.80
C GLY B 369 -32.48 -15.45 10.54
N PRO B 370 -31.60 -16.40 10.19
CA PRO B 370 -30.16 -16.19 10.03
C PRO B 370 -29.81 -15.26 8.87
N VAL B 371 -28.57 -14.79 8.86
CA VAL B 371 -28.09 -13.89 7.82
C VAL B 371 -27.43 -14.66 6.67
N HIS B 372 -27.97 -14.49 5.47
CA HIS B 372 -27.42 -15.16 4.29
C HIS B 372 -26.78 -14.17 3.32
N ASN B 373 -27.09 -12.90 3.50
CA ASN B 373 -26.58 -11.86 2.61
C ASN B 373 -26.62 -10.51 3.29
N TYR B 374 -26.16 -9.49 2.57
CA TYR B 374 -26.13 -8.13 3.09
C TYR B 374 -27.51 -7.63 3.53
N GLU B 375 -28.54 -7.89 2.74
CA GLU B 375 -29.87 -7.42 3.10
C GLU B 375 -30.31 -8.02 4.44
N ASP B 376 -30.00 -9.30 4.67
CA ASP B 376 -30.37 -9.94 5.93
C ASP B 376 -29.65 -9.22 7.07
N ALA B 377 -28.36 -8.95 6.85
CA ALA B 377 -27.54 -8.27 7.83
C ALA B 377 -28.10 -6.91 8.20
N LYS B 378 -28.63 -6.21 7.20
CA LYS B 378 -29.20 -4.88 7.39
C LYS B 378 -30.45 -4.85 8.27
N LYS B 379 -30.95 -6.02 8.64
CA LYS B 379 -32.14 -6.09 9.49
C LYS B 379 -31.74 -5.98 10.96
N SER B 380 -30.45 -6.18 11.22
CA SER B 380 -29.91 -6.11 12.57
C SER B 380 -30.30 -4.80 13.25
N ASP B 381 -30.47 -4.86 14.58
CA ASP B 381 -30.83 -3.68 15.35
C ASP B 381 -29.57 -2.89 15.71
N LEU B 382 -29.29 -1.88 14.90
CA LEU B 382 -28.10 -1.06 15.07
C LEU B 382 -28.08 -0.28 16.39
N GLN B 383 -29.23 0.17 16.85
CA GLN B 383 -29.28 0.91 18.10
C GLN B 383 -28.95 -0.05 19.24
N LYS B 384 -29.42 -1.29 19.12
CA LYS B 384 -29.12 -2.25 20.17
C LYS B 384 -27.64 -2.60 20.14
N PHE B 385 -27.09 -2.82 18.95
CA PHE B 385 -25.67 -3.15 18.85
C PHE B 385 -24.83 -2.05 19.47
N SER B 386 -25.22 -0.81 19.23
CA SER B 386 -24.47 0.31 19.78
C SER B 386 -24.48 0.27 21.31
N ARG B 387 -25.65 0.05 21.91
CA ARG B 387 -25.73 -0.01 23.37
C ARG B 387 -24.85 -1.14 23.87
N PHE B 388 -24.94 -2.29 23.20
CA PHE B 388 -24.14 -3.47 23.54
C PHE B 388 -22.65 -3.16 23.49
N HIS B 389 -22.21 -2.61 22.36
CA HIS B 389 -20.81 -2.29 22.17
C HIS B 389 -20.28 -1.41 23.29
N ARG B 390 -21.03 -0.39 23.65
CA ARG B 390 -20.61 0.51 24.71
C ARG B 390 -20.55 -0.19 26.06
N GLY B 391 -21.51 -1.08 26.30
CA GLY B 391 -21.55 -1.81 27.55
C GLY B 391 -20.34 -2.72 27.67
N MET B 392 -20.05 -3.44 26.59
CA MET B 392 -18.91 -4.34 26.57
C MET B 392 -17.64 -3.54 26.79
N LEU B 393 -17.55 -2.41 26.10
CA LEU B 393 -16.40 -1.54 26.23
C LEU B 393 -16.18 -1.28 27.72
N GLU B 394 -17.21 -0.80 28.40
CA GLU B 394 -17.13 -0.51 29.84
C GLU B 394 -16.80 -1.75 30.67
N GLN B 395 -17.12 -2.93 30.16
CA GLN B 395 -16.82 -4.17 30.87
C GLN B 395 -15.40 -4.64 30.56
N GLY B 396 -14.66 -3.83 29.80
CA GLY B 396 -13.29 -4.21 29.48
C GLY B 396 -13.17 -5.10 28.26
N ILE B 397 -14.17 -5.06 27.39
CA ILE B 397 -14.16 -5.87 26.17
C ILE B 397 -14.19 -4.94 24.95
N TYR B 398 -13.20 -5.10 24.08
CA TYR B 398 -13.16 -4.26 22.89
C TYR B 398 -13.62 -5.06 21.67
N LEU B 399 -14.83 -4.76 21.21
CA LEU B 399 -15.39 -5.42 20.03
C LEU B 399 -15.31 -4.43 18.86
N ALA B 400 -15.45 -4.94 17.64
CA ALA B 400 -15.41 -4.08 16.46
C ALA B 400 -16.50 -3.02 16.62
N PRO B 401 -16.17 -1.75 16.33
CA PRO B 401 -17.18 -0.69 16.47
C PRO B 401 -18.17 -0.64 15.30
N SER B 402 -18.72 -1.78 14.95
CA SER B 402 -19.69 -1.87 13.87
C SER B 402 -20.36 -3.22 13.85
N GLN B 403 -21.67 -3.23 13.60
CA GLN B 403 -22.42 -4.46 13.54
C GLN B 403 -22.02 -5.21 12.28
N PHE B 404 -21.54 -4.48 11.29
CA PHE B 404 -21.16 -5.09 10.02
C PHE B 404 -19.68 -5.44 9.90
N GLU B 405 -19.10 -5.94 10.98
CA GLU B 405 -17.69 -6.35 10.99
C GLU B 405 -17.59 -7.69 11.69
N ALA B 406 -16.81 -8.61 11.13
CA ALA B 406 -16.61 -9.90 11.75
C ALA B 406 -15.68 -9.71 12.95
N GLY B 407 -15.79 -10.61 13.93
CA GLY B 407 -14.94 -10.53 15.11
C GLY B 407 -13.80 -11.52 14.96
N PHE B 408 -12.71 -11.31 15.70
CA PHE B 408 -11.57 -12.22 15.60
C PHE B 408 -10.98 -12.63 16.96
N THR B 409 -10.40 -13.83 16.97
CA THR B 409 -9.74 -14.34 18.16
C THR B 409 -8.28 -14.57 17.77
N SER B 410 -7.42 -14.77 18.76
CA SER B 410 -6.01 -14.99 18.49
C SER B 410 -5.49 -16.13 19.34
N LEU B 411 -4.28 -16.60 19.03
CA LEU B 411 -3.67 -17.69 19.79
C LEU B 411 -3.34 -17.19 21.19
N ALA B 412 -3.41 -15.89 21.39
CA ALA B 412 -3.11 -15.30 22.70
C ALA B 412 -4.31 -15.31 23.63
N HIS B 413 -5.51 -15.43 23.06
CA HIS B 413 -6.71 -15.46 23.89
C HIS B 413 -6.75 -16.75 24.70
N THR B 414 -6.80 -16.61 26.02
CA THR B 414 -6.86 -17.79 26.89
C THR B 414 -8.31 -18.19 27.12
N GLU B 415 -8.50 -19.35 27.75
CA GLU B 415 -9.85 -19.80 28.02
C GLU B 415 -10.49 -18.82 29.01
N GLU B 416 -9.69 -18.28 29.93
CA GLU B 416 -10.20 -17.33 30.91
C GLU B 416 -10.67 -16.07 30.21
N ASP B 417 -9.86 -15.56 29.27
CA ASP B 417 -10.25 -14.36 28.54
C ASP B 417 -11.65 -14.58 27.99
N ILE B 418 -11.89 -15.76 27.42
CA ILE B 418 -13.19 -16.09 26.85
C ILE B 418 -14.22 -16.12 27.97
N ASP B 419 -13.87 -16.71 29.10
CA ASP B 419 -14.77 -16.78 30.24
C ASP B 419 -15.15 -15.37 30.66
N ALA B 420 -14.14 -14.52 30.83
CA ALA B 420 -14.34 -13.13 31.23
C ALA B 420 -15.20 -12.41 30.22
N THR B 421 -15.01 -12.72 28.94
CA THR B 421 -15.76 -12.09 27.88
C THR B 421 -17.25 -12.43 27.94
N LEU B 422 -17.56 -13.71 28.14
CA LEU B 422 -18.94 -14.15 28.21
C LEU B 422 -19.60 -13.62 29.48
N ALA B 423 -18.80 -13.52 30.55
CA ALA B 423 -19.32 -13.00 31.82
C ALA B 423 -19.70 -11.54 31.59
N ALA B 424 -18.93 -10.85 30.77
CA ALA B 424 -19.20 -9.45 30.45
C ALA B 424 -20.42 -9.35 29.56
N ALA B 425 -20.52 -10.26 28.60
CA ALA B 425 -21.66 -10.27 27.68
C ALA B 425 -22.96 -10.52 28.43
N ARG B 426 -22.90 -11.34 29.48
CA ARG B 426 -24.07 -11.64 30.29
C ARG B 426 -24.59 -10.36 30.91
N THR B 427 -23.70 -9.69 31.64
CA THR B 427 -24.00 -8.44 32.33
C THR B 427 -24.63 -7.39 31.42
N VAL B 428 -23.97 -7.14 30.29
CA VAL B 428 -24.42 -6.15 29.33
C VAL B 428 -25.77 -6.49 28.70
N MET B 429 -25.90 -7.70 28.18
CA MET B 429 -27.17 -8.08 27.56
C MET B 429 -28.28 -8.15 28.60
N SER B 430 -27.92 -8.39 29.85
CA SER B 430 -28.90 -8.46 30.92
C SER B 430 -29.48 -7.07 31.12
N ALA B 431 -28.64 -6.06 30.95
CA ALA B 431 -29.05 -4.68 31.13
C ALA B 431 -29.49 -3.98 29.85
N LEU B 432 -29.35 -4.64 28.71
CA LEU B 432 -29.74 -4.04 27.43
C LEU B 432 -31.17 -3.54 27.42
P EA5 C . 4.36 3.75 -4.36
OP1 EA5 C . 4.56 3.99 -2.91
OP2 EA5 C . 3.14 2.81 -4.65
OP3 EA5 C . 5.29 2.98 -5.17
OP4 EA5 C . 4.12 5.16 -5.07
C5A EA5 C . 3.84 5.28 -6.50
C5 EA5 C . 4.39 6.63 -6.99
C6 EA5 C . 3.51 7.66 -7.18
N1 EA5 C . 3.98 8.87 -7.62
C2 EA5 C . 5.33 9.09 -7.88
C2A EA5 C . 5.77 10.48 -8.39
C3 EA5 C . 6.24 8.06 -7.71
O3 EA5 C . 7.60 8.26 -7.97
C4 EA5 C . 5.76 6.82 -7.25
C4A EA5 C . 6.72 5.65 -7.04
N4A EA5 C . 8.05 5.73 -7.26
N4 EA5 C . 11.22 5.17 -7.79
CA EA5 C . 9.98 4.41 -8.11
C EA5 C . 8.89 4.56 -7.03
CB EA5 C . 10.33 2.92 -8.43
CG EA5 C . 10.05 1.84 -7.34
CD EA5 C . 8.81 0.97 -7.61
OE1 EA5 C . 7.88 1.41 -8.33
OE2 EA5 C . 8.77 -0.15 -7.09
N1 PLP D . -10.62 -7.17 1.04
C2 PLP D . -11.07 -7.78 2.19
C2A PLP D . -12.03 -8.97 2.08
C3 PLP D . -10.67 -7.32 3.42
O3 PLP D . -11.16 -7.89 4.57
C4 PLP D . -9.81 -6.26 3.51
C4A PLP D . -9.21 -5.91 4.88
C5 PLP D . -9.38 -5.62 2.34
C6 PLP D . -9.78 -6.10 1.12
C5A PLP D . -8.59 -4.33 2.39
O4P PLP D . -7.20 -4.57 2.64
P PLP D . -6.29 -3.37 3.24
O1P PLP D . -4.98 -3.95 3.61
O2P PLP D . -6.10 -2.44 1.95
O3P PLP D . -7.09 -2.63 4.24
N HOZ E . -10.41 -3.03 7.85
CA HOZ E . -11.37 -1.91 8.05
C HOZ E . -11.64 -1.14 6.73
N1 HOZ E . -11.69 -1.96 5.49
CB HOZ E . -10.85 -1.00 9.19
CG HOZ E . -9.35 -0.67 9.24
CD HOZ E . -8.98 0.23 10.41
OE1 HOZ E . -9.60 1.30 10.56
OE2 HOZ E . -8.07 -0.12 11.18
#